data_8S2X
#
_entry.id   8S2X
#
_cell.length_a   180.3
_cell.length_b   180.3
_cell.length_c   119.2
_cell.angle_alpha   90
_cell.angle_beta   90
_cell.angle_gamma   120
#
_symmetry.space_group_name_H-M   'H 3'
#
loop_
_entity.id
_entity.type
_entity.pdbx_description
1 polymer "Pyridoxal 5'-phosphate synthase subunit PDX1.3"
2 non-polymer 'CITRIC ACID'
3 non-polymer 'PHOSPHATE ION'
4 water water
#
_entity_poly.entity_id   1
_entity_poly.type   'polypeptide(L)'
_entity_poly.pdbx_seq_one_letter_code
;MEGTGVVAVYGNGAITEAKKSPFSVKVGLAQMLRGGVIMDVVNAEQARIAEEAGACAVMALERVPADIRAQGGVARMSDP
QMIKEIKQAVTIPVMAKARIGHFVEAQILEAIGIDYIDESEVLTLADEDHHINKHNFRIPFVCGCRNLGEALRRIREGAA
MIRTKGEAGTGNIIEAVRHVRSVNGDIRVLRNMDDDEVFTFAKKLAAPYDLVMQTKQLGRLPVVQFAAGGVATPADAALM
MQLGCDGVFVGSGIFKSGDPARRARAIVQAVTHYSDPEMLVEVSCGLGEAM
;
_entity_poly.pdbx_strand_id   A,B,C,D
#
# COMPACT_ATOMS: atom_id res chain seq x y z
N SER A 21 -25.23 -8.25 -22.85
CA SER A 21 -25.60 -9.16 -21.74
C SER A 21 -26.69 -8.52 -20.87
N PRO A 22 -27.49 -9.31 -20.11
CA PRO A 22 -28.39 -8.71 -19.12
C PRO A 22 -27.67 -8.11 -17.90
N PHE A 23 -26.39 -8.44 -17.68
CA PHE A 23 -25.63 -7.84 -16.58
C PHE A 23 -25.43 -6.34 -16.85
N SER A 24 -24.93 -6.00 -18.04
CA SER A 24 -24.69 -4.60 -18.37
C SER A 24 -25.99 -3.82 -18.46
N VAL A 25 -27.13 -4.49 -18.67
CA VAL A 25 -28.40 -3.80 -18.61
C VAL A 25 -28.71 -3.37 -17.17
N LYS A 26 -28.44 -4.26 -16.19
CA LYS A 26 -28.66 -3.97 -14.78
C LYS A 26 -27.71 -2.86 -14.32
N VAL A 27 -26.45 -2.93 -14.78
CA VAL A 27 -25.50 -1.90 -14.45
C VAL A 27 -26.03 -0.56 -14.96
N GLY A 28 -26.51 -0.52 -16.21
CA GLY A 28 -27.10 0.66 -16.82
C GLY A 28 -28.30 1.22 -16.04
N LEU A 29 -29.18 0.37 -15.53
CA LEU A 29 -30.30 0.84 -14.74
C LEU A 29 -29.80 1.61 -13.52
N ALA A 30 -28.79 1.07 -12.82
CA ALA A 30 -28.29 1.66 -11.59
C ALA A 30 -27.61 3.01 -11.86
N GLN A 31 -27.06 3.20 -13.07
CA GLN A 31 -26.41 4.45 -13.45
C GLN A 31 -27.39 5.62 -13.50
N MET A 32 -28.68 5.36 -13.69
CA MET A 32 -29.58 6.51 -13.81
C MET A 32 -29.85 7.11 -12.43
N LEU A 33 -29.33 6.50 -11.36
CA LEU A 33 -29.45 7.05 -10.01
C LEU A 33 -28.28 7.99 -9.67
N ARG A 34 -27.27 8.04 -10.54
CA ARG A 34 -26.10 8.88 -10.31
C ARG A 34 -26.55 10.28 -9.95
N GLY A 35 -25.92 10.87 -8.92
CA GLY A 35 -26.19 12.24 -8.52
C GLY A 35 -27.35 12.35 -7.54
N GLY A 36 -27.90 11.23 -7.08
CA GLY A 36 -29.14 11.28 -6.30
C GLY A 36 -28.97 10.91 -4.83
N VAL A 37 -30.07 11.07 -4.09
CA VAL A 37 -30.18 10.67 -2.71
C VAL A 37 -31.29 9.64 -2.58
N ILE A 38 -31.05 8.63 -1.75
CA ILE A 38 -31.99 7.54 -1.51
C ILE A 38 -32.36 7.56 -0.04
N MET A 39 -33.67 7.55 0.26
CA MET A 39 -34.12 7.75 1.62
C MET A 39 -34.89 6.53 2.12
N ASP A 40 -34.63 6.14 3.36
CA ASP A 40 -35.36 5.07 4.02
C ASP A 40 -36.70 5.62 4.51
N VAL A 41 -37.77 4.84 4.29
CA VAL A 41 -39.12 5.24 4.69
C VAL A 41 -39.84 4.05 5.30
N VAL A 42 -40.76 4.34 6.24
CA VAL A 42 -41.51 3.30 6.95
C VAL A 42 -43.01 3.36 6.63
N ASN A 43 -43.45 4.30 5.78
CA ASN A 43 -44.86 4.42 5.44
C ASN A 43 -45.00 5.28 4.19
N ALA A 44 -46.24 5.41 3.69
CA ALA A 44 -46.51 6.08 2.44
C ALA A 44 -46.36 7.60 2.58
N GLU A 45 -46.59 8.11 3.80
CA GLU A 45 -46.48 9.53 4.06
C GLU A 45 -45.02 9.95 3.89
N GLN A 46 -44.13 9.25 4.62
CA GLN A 46 -42.70 9.43 4.52
C GLN A 46 -42.25 9.32 3.06
N ALA A 47 -42.79 8.32 2.35
CA ALA A 47 -42.43 8.10 0.96
C ALA A 47 -42.75 9.33 0.12
N ARG A 48 -43.86 10.01 0.45
CA ARG A 48 -44.30 11.14 -0.36
C ARG A 48 -43.44 12.36 -0.06
N ILE A 49 -43.06 12.56 1.21
CA ILE A 49 -42.21 13.67 1.59
C ILE A 49 -40.88 13.53 0.86
N ALA A 50 -40.36 12.30 0.87
CA ALA A 50 -39.12 11.96 0.19
C ALA A 50 -39.17 12.31 -1.31
N GLU A 51 -40.27 11.93 -1.98
CA GLU A 51 -40.41 12.13 -3.42
C GLU A 51 -40.47 13.62 -3.72
N GLU A 52 -41.24 14.34 -2.88
CA GLU A 52 -41.47 15.77 -3.04
C GLU A 52 -40.16 16.52 -2.82
N ALA A 53 -39.36 16.08 -1.84
CA ALA A 53 -38.08 16.68 -1.52
C ALA A 53 -37.03 16.46 -2.62
N GLY A 54 -37.24 15.47 -3.50
CA GLY A 54 -36.40 15.30 -4.67
C GLY A 54 -35.50 14.08 -4.58
N ALA A 55 -35.86 13.09 -3.73
CA ALA A 55 -35.15 11.83 -3.65
C ALA A 55 -35.25 11.10 -4.98
N CYS A 56 -34.17 10.41 -5.39
CA CYS A 56 -34.17 9.69 -6.65
C CYS A 56 -34.80 8.29 -6.48
N ALA A 57 -34.96 7.84 -5.23
CA ALA A 57 -35.58 6.55 -4.91
C ALA A 57 -35.87 6.47 -3.43
N VAL A 58 -36.69 5.50 -3.02
CA VAL A 58 -36.92 5.23 -1.61
C VAL A 58 -36.61 3.76 -1.30
N MET A 59 -36.28 3.52 -0.03
CA MET A 59 -35.98 2.22 0.52
C MET A 59 -37.05 1.87 1.56
N ALA A 60 -37.85 0.84 1.26
CA ALA A 60 -38.98 0.48 2.09
C ALA A 60 -38.53 -0.43 3.23
N LEU A 61 -39.09 -0.16 4.41
CA LEU A 61 -38.63 -0.69 5.67
C LEU A 61 -39.78 -0.63 6.66
N GLU A 62 -40.28 -1.78 7.16
CA GLU A 62 -41.45 -1.77 8.03
C GLU A 62 -41.05 -1.25 9.41
N ARG A 63 -39.83 -1.59 9.85
CA ARG A 63 -39.25 -1.04 11.07
C ARG A 63 -37.77 -0.79 10.77
N VAL A 64 -37.18 0.19 11.46
CA VAL A 64 -35.74 0.42 11.34
C VAL A 64 -35.06 -0.74 12.06
N PRO A 65 -34.12 -1.49 11.43
CA PRO A 65 -33.41 -2.60 12.08
C PRO A 65 -32.57 -2.22 13.31
N ALA A 66 -32.16 -0.95 13.37
CA ALA A 66 -31.53 -0.38 14.55
C ALA A 66 -32.31 -0.76 15.79
N ASP A 67 -33.65 -0.62 15.72
CA ASP A 67 -34.54 -0.58 16.88
C ASP A 67 -35.13 -1.96 17.20
N ILE A 68 -35.08 -2.89 16.23
CA ILE A 68 -35.45 -4.29 16.42
C ILE A 68 -34.32 -5.03 17.12
N ARG A 69 -33.07 -4.74 16.72
CA ARG A 69 -31.89 -5.27 17.37
C ARG A 69 -31.68 -4.60 18.73
N ALA A 70 -32.00 -3.30 18.83
CA ALA A 70 -31.97 -2.62 20.12
C ALA A 70 -32.72 -3.48 21.14
N GLN A 71 -33.86 -4.05 20.73
CA GLN A 71 -34.65 -4.93 21.58
C GLN A 71 -34.17 -6.38 21.51
N GLY A 72 -33.13 -6.64 20.70
CA GLY A 72 -32.47 -7.95 20.62
C GLY A 72 -33.17 -8.91 19.67
N GLY A 73 -33.95 -8.39 18.71
CA GLY A 73 -34.81 -9.18 17.86
C GLY A 73 -34.15 -9.48 16.51
N VAL A 74 -34.79 -10.34 15.71
CA VAL A 74 -34.30 -10.67 14.38
C VAL A 74 -34.93 -9.69 13.40
N ALA A 75 -34.13 -9.19 12.45
CA ALA A 75 -34.62 -8.24 11.45
C ALA A 75 -34.64 -8.92 10.09
N ARG A 76 -35.83 -8.96 9.46
CA ARG A 76 -36.05 -9.72 8.24
C ARG A 76 -36.61 -8.82 7.13
N MET A 77 -36.90 -9.42 5.99
CA MET A 77 -37.70 -8.81 4.94
C MET A 77 -38.96 -8.17 5.54
N SER A 78 -39.36 -7.03 4.98
CA SER A 78 -40.59 -6.37 5.36
C SER A 78 -41.78 -7.12 4.78
N ASP A 79 -42.94 -6.96 5.43
CA ASP A 79 -44.21 -7.50 4.95
C ASP A 79 -44.46 -6.99 3.53
N PRO A 80 -44.72 -7.87 2.53
CA PRO A 80 -44.95 -7.42 1.15
C PRO A 80 -46.11 -6.44 1.01
N GLN A 81 -47.04 -6.48 1.97
CA GLN A 81 -48.19 -5.61 1.91
C GLN A 81 -47.74 -4.15 2.04
N MET A 82 -46.86 -3.85 3.02
CA MET A 82 -46.50 -2.46 3.26
C MET A 82 -45.58 -1.99 2.14
N ILE A 83 -44.83 -2.91 1.52
CA ILE A 83 -44.03 -2.57 0.36
C ILE A 83 -44.94 -2.16 -0.80
N LYS A 84 -46.04 -2.89 -1.01
CA LYS A 84 -46.99 -2.59 -2.06
C LYS A 84 -47.61 -1.20 -1.84
N GLU A 85 -47.92 -0.85 -0.59
CA GLU A 85 -48.49 0.46 -0.27
C GLU A 85 -47.54 1.59 -0.68
N ILE A 86 -46.25 1.41 -0.44
CA ILE A 86 -45.26 2.43 -0.77
C ILE A 86 -45.08 2.52 -2.28
N LYS A 87 -45.00 1.37 -2.97
CA LYS A 87 -44.87 1.30 -4.42
C LYS A 87 -45.99 2.10 -5.11
N GLN A 88 -47.18 2.15 -4.49
CA GLN A 88 -48.33 2.83 -5.07
C GLN A 88 -48.33 4.32 -4.74
N ALA A 89 -47.72 4.72 -3.63
CA ALA A 89 -47.75 6.09 -3.18
C ALA A 89 -46.86 7.01 -4.04
N VAL A 90 -45.93 6.45 -4.83
CA VAL A 90 -44.88 7.25 -5.43
C VAL A 90 -44.61 6.75 -6.84
N THR A 91 -43.85 7.55 -7.60
CA THR A 91 -43.54 7.26 -9.00
C THR A 91 -42.03 7.07 -9.19
N ILE A 92 -41.25 7.40 -8.15
CA ILE A 92 -39.82 7.10 -8.15
C ILE A 92 -39.61 5.62 -7.82
N PRO A 93 -38.45 5.04 -8.20
CA PRO A 93 -38.16 3.64 -7.95
C PRO A 93 -38.18 3.30 -6.45
N VAL A 94 -38.52 2.04 -6.16
CA VAL A 94 -38.61 1.54 -4.80
C VAL A 94 -37.64 0.36 -4.61
N MET A 95 -36.88 0.41 -3.52
CA MET A 95 -35.91 -0.62 -3.15
C MET A 95 -36.38 -1.27 -1.85
N ALA A 96 -35.91 -2.49 -1.60
CA ALA A 96 -36.14 -3.16 -0.32
C ALA A 96 -34.98 -4.09 0.01
N LYS A 97 -34.90 -4.40 1.31
CA LYS A 97 -33.79 -5.17 1.88
C LYS A 97 -34.16 -6.65 1.97
N ALA A 98 -33.20 -7.51 1.61
CA ALA A 98 -33.21 -8.93 1.93
C ALA A 98 -32.02 -9.29 2.82
N ARG A 99 -32.20 -10.29 3.68
CA ARG A 99 -31.13 -10.79 4.52
C ARG A 99 -30.07 -11.44 3.64
N ILE A 100 -28.81 -11.33 4.08
CA ILE A 100 -27.68 -11.86 3.31
C ILE A 100 -27.84 -13.37 3.22
N GLY A 101 -27.78 -13.89 2.00
CA GLY A 101 -27.88 -15.32 1.76
C GLY A 101 -29.32 -15.84 1.64
N HIS A 102 -30.32 -15.00 1.93
CA HIS A 102 -31.70 -15.46 1.90
C HIS A 102 -32.29 -15.24 0.50
N PHE A 103 -32.04 -16.21 -0.39
CA PHE A 103 -32.41 -16.06 -1.78
C PHE A 103 -33.91 -16.19 -1.97
N VAL A 104 -34.65 -16.74 -1.00
CA VAL A 104 -36.09 -16.82 -1.17
C VAL A 104 -36.76 -15.50 -0.80
N GLU A 105 -36.25 -14.79 0.21
CA GLU A 105 -36.71 -13.43 0.46
C GLU A 105 -36.59 -12.60 -0.82
N ALA A 106 -35.48 -12.79 -1.56
CA ALA A 106 -35.24 -12.02 -2.77
C ALA A 106 -36.24 -12.40 -3.87
N GLN A 107 -36.54 -13.70 -3.99
CA GLN A 107 -37.50 -14.17 -4.99
C GLN A 107 -38.86 -13.50 -4.76
N ILE A 108 -39.23 -13.35 -3.49
CA ILE A 108 -40.49 -12.74 -3.15
C ILE A 108 -40.47 -11.27 -3.55
N LEU A 109 -39.37 -10.58 -3.23
CA LEU A 109 -39.25 -9.17 -3.54
C LEU A 109 -39.30 -8.94 -5.06
N GLU A 110 -38.64 -9.80 -5.84
CA GLU A 110 -38.71 -9.74 -7.29
C GLU A 110 -40.17 -9.90 -7.76
N ALA A 111 -40.92 -10.86 -7.20
CA ALA A 111 -42.25 -11.16 -7.69
C ALA A 111 -43.26 -10.04 -7.37
N ILE A 112 -43.05 -9.30 -6.29
CA ILE A 112 -43.82 -8.11 -5.96
C ILE A 112 -43.64 -7.03 -7.04
N GLY A 113 -42.52 -7.03 -7.77
CA GLY A 113 -42.26 -6.06 -8.83
C GLY A 113 -41.65 -4.74 -8.33
N ILE A 114 -40.75 -4.77 -7.33
CA ILE A 114 -39.95 -3.60 -7.00
C ILE A 114 -38.77 -3.51 -7.97
N ASP A 115 -37.95 -2.47 -7.77
CA ASP A 115 -37.00 -2.02 -8.77
C ASP A 115 -35.58 -2.45 -8.43
N TYR A 116 -35.23 -2.48 -7.14
CA TYR A 116 -33.89 -2.85 -6.69
C TYR A 116 -34.00 -3.63 -5.38
N ILE A 117 -33.13 -4.63 -5.20
CA ILE A 117 -33.00 -5.32 -3.92
C ILE A 117 -31.64 -4.98 -3.30
N ASP A 118 -31.64 -4.66 -2.00
CA ASP A 118 -30.44 -4.45 -1.22
C ASP A 118 -30.19 -5.67 -0.33
N GLU A 119 -29.15 -6.43 -0.67
CA GLU A 119 -28.69 -7.52 0.19
C GLU A 119 -27.91 -6.92 1.35
N SER A 120 -28.56 -6.80 2.52
CA SER A 120 -28.17 -5.83 3.53
C SER A 120 -27.67 -6.49 4.83
N GLU A 121 -26.48 -6.05 5.24
CA GLU A 121 -25.87 -6.45 6.51
C GLU A 121 -26.56 -5.79 7.71
N VAL A 122 -27.46 -4.84 7.46
CA VAL A 122 -28.21 -4.20 8.53
C VAL A 122 -29.32 -5.13 9.03
N LEU A 123 -29.83 -6.01 8.16
CA LEU A 123 -30.72 -7.09 8.61
C LEU A 123 -29.88 -8.23 9.17
N THR A 124 -30.54 -9.14 9.90
CA THR A 124 -29.89 -10.31 10.49
C THR A 124 -29.43 -11.25 9.39
N LEU A 125 -28.17 -11.67 9.48
CA LEU A 125 -27.55 -12.60 8.55
C LEU A 125 -28.31 -13.93 8.52
N ALA A 126 -28.46 -14.51 7.32
CA ALA A 126 -29.13 -15.79 7.16
C ALA A 126 -28.15 -16.89 6.77
N ASP A 127 -27.07 -16.53 6.07
CA ASP A 127 -26.05 -17.49 5.67
C ASP A 127 -24.69 -16.88 6.00
N GLU A 128 -23.94 -17.55 6.88
CA GLU A 128 -22.68 -17.03 7.36
C GLU A 128 -21.59 -17.16 6.28
N ASP A 129 -21.74 -18.04 5.30
CA ASP A 129 -20.66 -18.34 4.37
C ASP A 129 -20.92 -17.93 2.92
N HIS A 130 -22.18 -17.70 2.54
CA HIS A 130 -22.55 -17.49 1.14
C HIS A 130 -23.51 -16.31 1.00
N HIS A 131 -23.25 -15.48 0.00
CA HIS A 131 -24.18 -14.44 -0.40
C HIS A 131 -25.15 -15.03 -1.43
N ILE A 132 -26.21 -14.28 -1.73
CA ILE A 132 -27.13 -14.63 -2.79
C ILE A 132 -26.40 -14.60 -4.12
N ASN A 133 -26.67 -15.61 -4.94
CA ASN A 133 -26.27 -15.62 -6.33
C ASN A 133 -27.19 -14.68 -7.12
N LYS A 134 -26.72 -13.46 -7.36
CA LYS A 134 -27.56 -12.35 -7.80
C LYS A 134 -27.77 -12.41 -9.32
N HIS A 135 -26.97 -13.20 -10.02
CA HIS A 135 -27.14 -13.42 -11.44
C HIS A 135 -28.43 -14.19 -11.76
N ASN A 136 -29.04 -14.86 -10.78
CA ASN A 136 -30.25 -15.63 -11.05
C ASN A 136 -31.52 -14.78 -10.99
N PHE A 137 -31.40 -13.46 -11.05
CA PHE A 137 -32.55 -12.59 -10.88
C PHE A 137 -32.54 -11.58 -12.00
N ARG A 138 -33.71 -11.00 -12.27
CA ARG A 138 -33.88 -10.09 -13.38
C ARG A 138 -33.66 -8.66 -12.89
N ILE A 139 -33.92 -8.38 -11.61
CA ILE A 139 -33.73 -7.02 -11.12
C ILE A 139 -32.34 -6.83 -10.50
N PRO A 140 -31.85 -5.58 -10.44
CA PRO A 140 -30.51 -5.30 -9.95
C PRO A 140 -30.42 -5.31 -8.43
N PHE A 141 -29.22 -5.64 -7.95
CA PHE A 141 -28.93 -5.72 -6.53
C PHE A 141 -27.93 -4.64 -6.11
N VAL A 142 -28.12 -4.14 -4.89
CA VAL A 142 -27.10 -3.39 -4.16
C VAL A 142 -26.44 -4.31 -3.13
N CYS A 143 -25.11 -4.19 -2.99
CA CYS A 143 -24.36 -4.78 -1.89
C CYS A 143 -23.45 -3.73 -1.23
N GLY A 144 -23.10 -3.99 0.03
CA GLY A 144 -22.14 -3.18 0.79
C GLY A 144 -20.70 -3.69 0.69
N CYS A 145 -19.75 -2.82 1.04
CA CYS A 145 -18.35 -3.18 1.03
C CYS A 145 -17.57 -2.28 2.00
N ARG A 146 -16.42 -2.78 2.47
CA ARG A 146 -15.49 -2.03 3.31
C ARG A 146 -14.20 -1.72 2.55
N ASN A 147 -13.93 -2.43 1.45
CA ASN A 147 -12.68 -2.30 0.70
C ASN A 147 -12.87 -2.83 -0.73
N LEU A 148 -11.84 -2.69 -1.56
CA LEU A 148 -11.94 -2.99 -2.98
C LEU A 148 -12.15 -4.48 -3.23
N GLY A 149 -11.45 -5.34 -2.49
CA GLY A 149 -11.60 -6.78 -2.66
C GLY A 149 -13.05 -7.23 -2.43
N GLU A 150 -13.68 -6.71 -1.38
CA GLU A 150 -15.04 -7.06 -1.04
C GLU A 150 -16.00 -6.61 -2.15
N ALA A 151 -15.74 -5.42 -2.70
CA ALA A 151 -16.59 -4.84 -3.73
C ALA A 151 -16.57 -5.69 -5.00
N LEU A 152 -15.37 -6.12 -5.40
CA LEU A 152 -15.21 -6.90 -6.61
C LEU A 152 -15.83 -8.28 -6.45
N ARG A 153 -15.81 -8.82 -5.22
CA ARG A 153 -16.41 -10.10 -4.94
C ARG A 153 -17.93 -10.00 -5.11
N ARG A 154 -18.52 -8.93 -4.56
CA ARG A 154 -19.95 -8.71 -4.66
C ARG A 154 -20.37 -8.52 -6.14
N ILE A 155 -19.57 -7.78 -6.92
CA ILE A 155 -19.85 -7.56 -8.33
C ILE A 155 -19.83 -8.89 -9.09
N ARG A 156 -18.82 -9.74 -8.87
CA ARG A 156 -18.76 -10.99 -9.61
C ARG A 156 -19.96 -11.88 -9.28
N GLU A 157 -20.50 -11.76 -8.07
CA GLU A 157 -21.69 -12.51 -7.67
C GLU A 157 -22.93 -11.92 -8.35
N GLY A 158 -22.81 -10.67 -8.83
CA GLY A 158 -23.81 -10.06 -9.70
C GLY A 158 -24.44 -8.76 -9.18
N ALA A 159 -23.84 -8.14 -8.16
CA ALA A 159 -24.29 -6.82 -7.73
C ALA A 159 -24.06 -5.80 -8.84
N ALA A 160 -25.03 -4.90 -9.03
CA ALA A 160 -24.97 -3.92 -10.10
C ALA A 160 -24.63 -2.54 -9.53
N MET A 161 -24.52 -2.45 -8.21
CA MET A 161 -24.40 -1.19 -7.53
C MET A 161 -23.77 -1.47 -6.16
N ILE A 162 -22.82 -0.62 -5.75
CA ILE A 162 -22.08 -0.81 -4.52
C ILE A 162 -22.31 0.39 -3.61
N ARG A 163 -22.40 0.12 -2.30
CA ARG A 163 -22.37 1.17 -1.30
C ARG A 163 -21.34 0.81 -0.23
N THR A 164 -20.91 1.81 0.55
CA THR A 164 -20.13 1.56 1.75
C THR A 164 -21.03 0.92 2.81
N LYS A 165 -20.44 0.11 3.68
CA LYS A 165 -21.17 -0.43 4.80
C LYS A 165 -21.36 0.69 5.81
N GLY A 166 -20.30 1.50 5.97
CA GLY A 166 -20.26 2.54 6.99
C GLY A 166 -20.54 1.94 8.36
N GLU A 167 -21.40 2.63 9.13
CA GLU A 167 -21.79 2.20 10.47
C GLU A 167 -23.21 2.70 10.64
N ALA A 168 -24.18 1.79 10.51
CA ALA A 168 -25.57 2.16 10.47
C ALA A 168 -26.05 2.48 11.88
N GLY A 169 -26.81 3.58 11.99
CA GLY A 169 -27.62 3.90 13.16
C GLY A 169 -26.96 4.88 14.14
N THR A 170 -25.75 5.36 13.85
CA THR A 170 -24.97 6.11 14.84
C THR A 170 -24.90 7.61 14.51
N GLY A 171 -25.15 7.99 13.24
CA GLY A 171 -24.94 9.36 12.81
C GLY A 171 -23.44 9.75 12.75
N ASN A 172 -22.55 8.75 12.80
CA ASN A 172 -21.12 9.01 12.79
C ASN A 172 -20.55 8.57 11.43
N ILE A 173 -19.85 9.50 10.78
CA ILE A 173 -19.49 9.42 9.38
C ILE A 173 -18.13 8.72 9.20
N ILE A 174 -17.42 8.45 10.31
CA ILE A 174 -16.03 8.03 10.30
C ILE A 174 -15.82 6.71 9.54
N GLU A 175 -16.72 5.73 9.74
CA GLU A 175 -16.55 4.43 9.09
C GLU A 175 -16.73 4.59 7.58
N ALA A 176 -17.70 5.43 7.20
CA ALA A 176 -18.00 5.65 5.78
C ALA A 176 -16.81 6.31 5.09
N VAL A 177 -16.14 7.26 5.78
CA VAL A 177 -14.98 7.91 5.22
C VAL A 177 -13.86 6.88 5.04
N ARG A 178 -13.66 6.00 6.03
CA ARG A 178 -12.60 4.99 5.96
C ARG A 178 -12.81 4.12 4.72
N HIS A 179 -14.05 3.72 4.46
CA HIS A 179 -14.38 2.78 3.40
C HIS A 179 -14.21 3.42 2.02
N VAL A 180 -14.68 4.66 1.84
CA VAL A 180 -14.52 5.36 0.58
C VAL A 180 -13.04 5.57 0.30
N ARG A 181 -12.29 6.05 1.29
CA ARG A 181 -10.87 6.31 1.10
C ARG A 181 -10.13 5.03 0.74
N SER A 182 -10.52 3.93 1.39
CA SER A 182 -9.94 2.62 1.15
C SER A 182 -10.16 2.15 -0.29
N VAL A 183 -11.42 2.14 -0.74
CA VAL A 183 -11.76 1.73 -2.09
C VAL A 183 -11.05 2.61 -3.11
N ASN A 184 -11.21 3.93 -2.99
CA ASN A 184 -10.66 4.83 -4.00
C ASN A 184 -9.15 4.75 -3.99
N GLY A 185 -8.56 4.52 -2.82
CA GLY A 185 -7.12 4.51 -2.70
C GLY A 185 -6.50 3.34 -3.44
N ASP A 186 -7.16 2.17 -3.32
CA ASP A 186 -6.68 0.95 -3.96
C ASP A 186 -6.86 1.03 -5.47
N ILE A 187 -7.95 1.68 -5.93
CA ILE A 187 -8.14 1.90 -7.36
C ILE A 187 -7.00 2.75 -7.93
N ARG A 188 -6.57 3.78 -7.19
CA ARG A 188 -5.47 4.64 -7.65
C ARG A 188 -4.17 3.86 -7.68
N VAL A 189 -3.94 3.00 -6.67
CA VAL A 189 -2.75 2.16 -6.65
C VAL A 189 -2.75 1.28 -7.89
N LEU A 190 -3.93 0.72 -8.20
CA LEU A 190 -4.05 -0.29 -9.22
C LEU A 190 -3.81 0.34 -10.59
N ARG A 191 -4.30 1.57 -10.80
CA ARG A 191 -4.29 2.22 -12.09
CA ARG A 191 -4.29 2.23 -12.09
C ARG A 191 -2.88 2.32 -12.67
N ASN A 192 -1.87 2.51 -11.81
CA ASN A 192 -0.51 2.86 -12.25
C ASN A 192 0.49 1.71 -12.07
N MET A 193 -0.01 0.56 -11.60
CA MET A 193 0.78 -0.57 -11.17
C MET A 193 1.34 -1.33 -12.38
N ASP A 194 2.60 -1.79 -12.26
CA ASP A 194 3.23 -2.68 -13.23
C ASP A 194 2.30 -3.88 -13.47
N ASP A 195 1.94 -4.15 -14.75
CA ASP A 195 0.99 -5.20 -15.08
C ASP A 195 1.42 -6.56 -14.54
N ASP A 196 2.72 -6.83 -14.53
CA ASP A 196 3.26 -8.08 -14.05
C ASP A 196 2.99 -8.30 -12.56
N GLU A 197 2.73 -7.23 -11.80
CA GLU A 197 2.51 -7.32 -10.36
C GLU A 197 1.02 -7.49 -10.02
N VAL A 198 0.13 -7.42 -11.01
CA VAL A 198 -1.30 -7.46 -10.74
C VAL A 198 -1.75 -8.86 -10.31
N PHE A 199 -1.04 -9.92 -10.74
CA PHE A 199 -1.42 -11.27 -10.36
C PHE A 199 -1.38 -11.44 -8.85
N THR A 200 -0.25 -11.03 -8.24
CA THR A 200 -0.08 -11.11 -6.80
C THR A 200 -1.08 -10.20 -6.08
N PHE A 201 -1.37 -9.04 -6.66
CA PHE A 201 -2.29 -8.09 -6.05
C PHE A 201 -3.70 -8.70 -5.97
N ALA A 202 -4.12 -9.41 -7.04
CA ALA A 202 -5.41 -10.07 -7.07
C ALA A 202 -5.47 -11.16 -5.99
N LYS A 203 -4.37 -11.91 -5.83
CA LYS A 203 -4.29 -12.94 -4.80
C LYS A 203 -4.51 -12.33 -3.40
N LYS A 204 -3.86 -11.19 -3.12
CA LYS A 204 -3.89 -10.58 -1.80
C LYS A 204 -5.26 -9.99 -1.49
N LEU A 205 -5.97 -9.53 -2.52
CA LEU A 205 -7.33 -9.02 -2.36
C LEU A 205 -8.34 -10.16 -2.30
N ALA A 206 -7.94 -11.38 -2.73
CA ALA A 206 -8.88 -12.48 -2.88
C ALA A 206 -10.05 -12.07 -3.78
N ALA A 207 -9.71 -11.47 -4.92
CA ALA A 207 -10.70 -10.97 -5.86
C ALA A 207 -10.39 -11.56 -7.24
N PRO A 208 -11.40 -11.72 -8.12
CA PRO A 208 -11.16 -12.30 -9.43
C PRO A 208 -10.26 -11.39 -10.26
N TYR A 209 -9.19 -11.99 -10.82
CA TYR A 209 -8.21 -11.25 -11.59
C TYR A 209 -8.84 -10.45 -12.72
N ASP A 210 -9.84 -11.03 -13.38
CA ASP A 210 -10.36 -10.45 -14.61
C ASP A 210 -11.08 -9.14 -14.27
N LEU A 211 -11.77 -9.07 -13.13
CA LEU A 211 -12.41 -7.85 -12.67
C LEU A 211 -11.40 -6.84 -12.14
N VAL A 212 -10.27 -7.32 -11.60
CA VAL A 212 -9.19 -6.44 -11.17
C VAL A 212 -8.64 -5.73 -12.40
N MET A 213 -8.33 -6.47 -13.48
CA MET A 213 -7.76 -5.90 -14.69
C MET A 213 -8.73 -4.91 -15.35
N GLN A 214 -10.02 -5.20 -15.29
CA GLN A 214 -11.04 -4.33 -15.84
C GLN A 214 -11.12 -3.02 -15.04
N THR A 215 -10.97 -3.12 -13.72
CA THR A 215 -10.99 -1.94 -12.86
C THR A 215 -9.77 -1.09 -13.16
N LYS A 216 -8.66 -1.74 -13.56
CA LYS A 216 -7.45 -1.03 -13.89
C LYS A 216 -7.60 -0.22 -15.18
N GLN A 217 -8.27 -0.80 -16.19
CA GLN A 217 -8.45 -0.11 -17.45
C GLN A 217 -9.45 1.04 -17.32
N LEU A 218 -10.60 0.82 -16.68
CA LEU A 218 -11.56 1.89 -16.44
C LEU A 218 -10.98 3.01 -15.58
N GLY A 219 -10.10 2.68 -14.63
CA GLY A 219 -9.63 3.65 -13.64
C GLY A 219 -10.72 4.05 -12.63
N ARG A 220 -11.79 3.26 -12.56
CA ARG A 220 -12.82 3.41 -11.54
C ARG A 220 -13.56 2.08 -11.41
N LEU A 221 -14.46 2.01 -10.43
CA LEU A 221 -15.23 0.80 -10.20
C LEU A 221 -16.18 0.59 -11.38
N PRO A 222 -16.32 -0.63 -11.93
CA PRO A 222 -17.25 -0.90 -13.04
C PRO A 222 -18.73 -0.67 -12.79
N VAL A 223 -19.10 -0.31 -11.56
CA VAL A 223 -20.50 -0.04 -11.21
C VAL A 223 -20.53 1.25 -10.41
N VAL A 224 -21.72 1.83 -10.25
CA VAL A 224 -21.98 3.00 -9.43
C VAL A 224 -21.60 2.71 -7.96
N GLN A 225 -21.01 3.71 -7.30
CA GLN A 225 -20.55 3.60 -5.93
C GLN A 225 -21.19 4.68 -5.08
N PHE A 226 -22.07 4.30 -4.14
CA PHE A 226 -22.74 5.25 -3.26
C PHE A 226 -22.16 5.18 -1.85
N ALA A 227 -22.39 6.24 -1.09
CA ALA A 227 -21.97 6.27 0.30
C ALA A 227 -23.20 6.00 1.18
N ALA A 228 -22.98 5.32 2.30
CA ALA A 228 -24.06 4.92 3.19
C ALA A 228 -23.50 4.70 4.59
N GLY A 229 -24.33 4.97 5.59
CA GLY A 229 -23.98 4.70 6.97
C GLY A 229 -23.40 5.93 7.66
N GLY A 230 -24.27 6.70 8.32
CA GLY A 230 -23.83 7.74 9.24
C GLY A 230 -23.97 9.15 8.67
N VAL A 231 -24.47 9.27 7.43
CA VAL A 231 -24.73 10.58 6.84
C VAL A 231 -25.90 11.26 7.58
N ALA A 232 -25.61 12.36 8.27
CA ALA A 232 -26.55 13.01 9.18
C ALA A 232 -26.82 14.47 8.80
N THR A 233 -25.87 15.16 8.15
CA THR A 233 -26.00 16.58 7.89
C THR A 233 -25.73 16.86 6.41
N PRO A 234 -26.15 18.04 5.90
CA PRO A 234 -25.77 18.46 4.56
C PRO A 234 -24.26 18.42 4.32
N ALA A 235 -23.49 18.79 5.33
CA ALA A 235 -22.03 18.77 5.23
C ALA A 235 -21.49 17.35 5.01
N ASP A 236 -22.04 16.39 5.78
CA ASP A 236 -21.72 14.98 5.62
C ASP A 236 -21.95 14.55 4.17
N ALA A 237 -23.15 14.84 3.65
CA ALA A 237 -23.51 14.39 2.31
C ALA A 237 -22.57 14.99 1.26
N ALA A 238 -22.25 16.28 1.41
CA ALA A 238 -21.40 16.96 0.43
C ALA A 238 -19.97 16.42 0.46
N LEU A 239 -19.48 16.09 1.67
CA LEU A 239 -18.16 15.51 1.86
C LEU A 239 -18.02 14.21 1.06
N MET A 240 -19.05 13.35 1.14
CA MET A 240 -19.05 12.09 0.42
C MET A 240 -18.95 12.32 -1.08
N MET A 241 -19.66 13.34 -1.59
CA MET A 241 -19.62 13.66 -3.01
C MET A 241 -18.25 14.22 -3.40
N GLN A 242 -17.66 15.05 -2.53
CA GLN A 242 -16.35 15.61 -2.78
C GLN A 242 -15.28 14.53 -2.74
N LEU A 243 -15.50 13.44 -1.99
CA LEU A 243 -14.56 12.32 -1.94
C LEU A 243 -14.69 11.39 -3.14
N GLY A 244 -15.73 11.57 -3.98
CA GLY A 244 -15.81 10.92 -5.27
C GLY A 244 -16.96 9.90 -5.38
N CYS A 245 -17.88 9.85 -4.42
CA CYS A 245 -19.03 9.00 -4.56
C CYS A 245 -19.98 9.50 -5.64
N ASP A 246 -20.87 8.61 -6.09
CA ASP A 246 -21.84 8.89 -7.14
C ASP A 246 -23.20 9.28 -6.56
N GLY A 247 -23.36 9.25 -5.23
CA GLY A 247 -24.65 9.48 -4.59
C GLY A 247 -24.61 9.01 -3.14
N VAL A 248 -25.73 9.12 -2.42
CA VAL A 248 -25.74 8.85 -0.99
C VAL A 248 -27.07 8.21 -0.56
N PHE A 249 -27.00 7.30 0.43
CA PHE A 249 -28.17 6.78 1.14
C PHE A 249 -28.29 7.50 2.47
N VAL A 250 -29.52 7.70 2.93
CA VAL A 250 -29.81 8.36 4.19
C VAL A 250 -30.93 7.61 4.90
N GLY A 251 -30.81 7.46 6.22
CA GLY A 251 -31.73 6.70 7.06
C GLY A 251 -32.93 7.54 7.52
N SER A 252 -33.77 7.00 8.41
CA SER A 252 -35.06 7.60 8.73
C SER A 252 -34.95 8.63 9.86
N GLY A 253 -33.71 8.89 10.32
CA GLY A 253 -33.43 9.93 11.30
C GLY A 253 -33.96 11.29 10.81
N ILE A 254 -33.98 11.49 9.50
CA ILE A 254 -34.47 12.74 8.97
C ILE A 254 -35.98 12.93 9.27
N PHE A 255 -36.71 11.88 9.64
CA PHE A 255 -38.14 12.01 9.94
C PHE A 255 -38.39 12.15 11.44
N LYS A 256 -37.33 12.14 12.26
CA LYS A 256 -37.47 12.23 13.70
C LYS A 256 -37.28 13.68 14.18
N SER A 257 -37.03 14.62 13.26
CA SER A 257 -36.78 16.01 13.60
C SER A 257 -37.95 16.86 13.16
N GLY A 258 -37.87 18.17 13.44
CA GLY A 258 -38.86 19.14 13.01
C GLY A 258 -38.80 19.37 11.50
N ASP A 259 -39.94 19.80 10.94
CA ASP A 259 -40.10 20.02 9.50
C ASP A 259 -39.21 19.06 8.70
N PRO A 260 -39.57 17.76 8.60
CA PRO A 260 -38.68 16.77 7.99
C PRO A 260 -38.61 16.94 6.48
N ALA A 261 -39.61 17.64 5.92
CA ALA A 261 -39.57 18.10 4.53
C ALA A 261 -38.40 19.06 4.31
N ARG A 262 -38.03 19.82 5.35
CA ARG A 262 -36.96 20.79 5.23
C ARG A 262 -35.61 20.06 5.28
N ARG A 263 -35.48 19.10 6.21
CA ARG A 263 -34.24 18.39 6.41
C ARG A 263 -33.94 17.50 5.20
N ALA A 264 -34.99 16.90 4.64
CA ALA A 264 -34.88 16.06 3.45
C ALA A 264 -34.42 16.87 2.24
N ARG A 265 -35.08 18.01 2.02
CA ARG A 265 -34.77 18.90 0.90
C ARG A 265 -33.32 19.37 1.00
N ALA A 266 -32.88 19.64 2.23
CA ALA A 266 -31.57 20.20 2.50
C ALA A 266 -30.47 19.26 2.01
N ILE A 267 -30.67 17.96 2.26
CA ILE A 267 -29.68 16.96 1.90
C ILE A 267 -29.68 16.78 0.37
N VAL A 268 -30.85 16.85 -0.26
CA VAL A 268 -30.92 16.77 -1.72
C VAL A 268 -30.16 17.95 -2.33
N GLN A 269 -30.43 19.15 -1.79
CA GLN A 269 -29.80 20.36 -2.26
C GLN A 269 -28.27 20.26 -2.14
N ALA A 270 -27.81 19.71 -0.99
CA ALA A 270 -26.40 19.55 -0.69
C ALA A 270 -25.71 18.64 -1.69
N VAL A 271 -26.34 17.51 -2.03
CA VAL A 271 -25.77 16.56 -2.97
C VAL A 271 -25.74 17.16 -4.38
N THR A 272 -26.75 17.98 -4.70
CA THR A 272 -26.84 18.59 -6.02
C THR A 272 -25.79 19.69 -6.15
N HIS A 273 -25.61 20.51 -5.10
CA HIS A 273 -24.72 21.67 -5.13
C HIS A 273 -23.54 21.45 -4.18
N TYR A 274 -22.89 20.28 -4.31
CA TYR A 274 -21.96 19.80 -3.30
C TYR A 274 -20.67 20.63 -3.30
N SER A 275 -20.39 21.37 -4.38
CA SER A 275 -19.18 22.15 -4.45
C SER A 275 -19.47 23.64 -4.41
N ASP A 276 -20.63 24.03 -3.87
CA ASP A 276 -20.97 25.43 -3.65
C ASP A 276 -21.15 25.72 -2.15
N PRO A 277 -20.11 26.25 -1.46
CA PRO A 277 -20.20 26.51 -0.02
C PRO A 277 -21.36 27.43 0.36
N GLU A 278 -21.66 28.39 -0.53
CA GLU A 278 -22.69 29.39 -0.25
C GLU A 278 -24.05 28.71 -0.15
N MET A 279 -24.30 27.80 -1.09
CA MET A 279 -25.49 26.99 -1.06
C MET A 279 -25.53 26.15 0.23
N LEU A 280 -24.40 25.55 0.60
CA LEU A 280 -24.36 24.67 1.76
C LEU A 280 -24.63 25.43 3.06
N VAL A 281 -24.21 26.70 3.12
CA VAL A 281 -24.53 27.54 4.26
C VAL A 281 -26.04 27.70 4.38
N GLU A 282 -26.69 27.99 3.24
CA GLU A 282 -28.10 28.35 3.21
C GLU A 282 -28.95 27.18 3.69
N VAL A 283 -28.64 25.95 3.23
CA VAL A 283 -29.45 24.79 3.54
C VAL A 283 -29.17 24.29 4.96
N SER A 284 -27.98 24.58 5.50
CA SER A 284 -27.57 24.13 6.83
C SER A 284 -28.11 25.03 7.93
N CYS A 285 -28.53 26.24 7.54
CA CYS A 285 -28.86 27.31 8.48
C CYS A 285 -30.19 27.03 9.17
N GLY A 286 -30.16 27.00 10.50
CA GLY A 286 -31.37 26.89 11.31
C GLY A 286 -32.05 25.54 11.15
N LEU A 287 -31.27 24.46 11.00
CA LEU A 287 -31.84 23.15 10.71
C LEU A 287 -32.28 22.46 12.00
N GLY A 288 -31.92 23.03 13.16
CA GLY A 288 -32.46 22.56 14.42
C GLY A 288 -31.76 21.28 14.86
N GLU A 289 -32.50 20.38 15.51
CA GLU A 289 -31.94 19.23 16.21
C GLU A 289 -31.36 18.23 15.18
N SER B 21 4.31 34.83 1.12
CA SER B 21 3.27 33.76 1.00
C SER B 21 2.02 34.15 1.79
N PRO B 22 0.83 33.59 1.49
CA PRO B 22 -0.34 33.75 2.37
C PRO B 22 -0.22 32.99 3.69
N PHE B 23 0.70 32.01 3.81
CA PHE B 23 0.92 31.30 5.07
C PHE B 23 1.44 32.29 6.14
N SER B 24 2.50 33.03 5.80
CA SER B 24 3.08 33.96 6.76
C SER B 24 2.11 35.10 7.08
N VAL B 25 1.14 35.38 6.20
CA VAL B 25 0.11 36.36 6.54
C VAL B 25 -0.78 35.84 7.67
N LYS B 26 -1.15 34.55 7.60
CA LYS B 26 -2.00 33.92 8.60
C LYS B 26 -1.25 33.83 9.93
N VAL B 27 0.04 33.46 9.85
CA VAL B 27 0.85 33.41 11.05
C VAL B 27 0.87 34.79 11.72
N GLY B 28 1.11 35.85 10.91
CA GLY B 28 1.10 37.24 11.37
C GLY B 28 -0.20 37.65 12.05
N LEU B 29 -1.35 37.28 11.48
CA LEU B 29 -2.62 37.63 12.09
C LEU B 29 -2.71 37.10 13.51
N ALA B 30 -2.31 35.84 13.70
CA ALA B 30 -2.48 35.15 14.96
C ALA B 30 -1.61 35.77 16.06
N GLN B 31 -0.53 36.48 15.72
CA GLN B 31 0.28 37.20 16.70
C GLN B 31 -0.50 38.24 17.51
N MET B 32 -1.60 38.78 16.99
CA MET B 32 -2.32 39.81 17.71
C MET B 32 -3.02 39.25 18.94
N LEU B 33 -3.08 37.92 19.03
CA LEU B 33 -3.75 37.24 20.13
C LEU B 33 -2.79 37.02 21.30
N ARG B 34 -1.49 37.24 21.08
CA ARG B 34 -0.50 37.00 22.11
C ARG B 34 -0.92 37.78 23.35
N GLY B 35 -0.83 37.16 24.53
CA GLY B 35 -1.13 37.84 25.78
C GLY B 35 -2.62 37.76 26.16
N GLY B 36 -3.43 37.02 25.40
CA GLY B 36 -4.87 37.07 25.60
C GLY B 36 -5.49 35.78 26.14
N VAL B 37 -6.79 35.88 26.43
CA VAL B 37 -7.61 34.76 26.84
C VAL B 37 -8.75 34.57 25.85
N ILE B 38 -9.06 33.32 25.52
CA ILE B 38 -10.11 32.95 24.58
C ILE B 38 -11.14 32.12 25.34
N MET B 39 -12.41 32.50 25.22
CA MET B 39 -13.46 31.91 26.04
C MET B 39 -14.47 31.23 25.12
N ASP B 40 -14.91 30.04 25.55
CA ASP B 40 -15.98 29.31 24.90
C ASP B 40 -17.33 29.92 25.32
N VAL B 41 -18.23 30.10 24.34
CA VAL B 41 -19.55 30.68 24.62
C VAL B 41 -20.61 29.89 23.85
N VAL B 42 -21.83 29.82 24.41
CA VAL B 42 -22.95 29.10 23.81
C VAL B 42 -24.08 30.03 23.38
N ASN B 43 -23.95 31.35 23.59
CA ASN B 43 -24.98 32.30 23.20
C ASN B 43 -24.38 33.72 23.18
N ALA B 44 -25.19 34.67 22.74
CA ALA B 44 -24.72 36.04 22.52
C ALA B 44 -24.50 36.76 23.85
N GLU B 45 -25.25 36.35 24.88
CA GLU B 45 -25.14 36.96 26.20
C GLU B 45 -23.75 36.65 26.75
N GLN B 46 -23.43 35.35 26.80
CA GLN B 46 -22.11 34.87 27.20
C GLN B 46 -21.02 35.58 26.40
N ALA B 47 -21.24 35.73 25.08
CA ALA B 47 -20.27 36.37 24.22
C ALA B 47 -20.02 37.80 24.68
N ARG B 48 -21.05 38.48 25.18
CA ARG B 48 -20.93 39.88 25.55
C ARG B 48 -20.22 39.99 26.89
N ILE B 49 -20.49 39.07 27.83
CA ILE B 49 -19.81 39.08 29.11
C ILE B 49 -18.31 38.88 28.88
N ALA B 50 -17.99 37.94 28.00
CA ALA B 50 -16.63 37.64 27.60
C ALA B 50 -15.90 38.87 27.05
N GLU B 51 -16.57 39.62 26.15
CA GLU B 51 -15.97 40.77 25.50
C GLU B 51 -15.71 41.86 26.55
N GLU B 52 -16.70 42.06 27.43
CA GLU B 52 -16.66 43.07 28.47
C GLU B 52 -15.55 42.74 29.47
N ALA B 53 -15.38 41.45 29.78
CA ALA B 53 -14.35 40.99 30.70
C ALA B 53 -12.93 41.15 30.12
N GLY B 54 -12.80 41.28 28.80
CA GLY B 54 -11.51 41.58 28.19
C GLY B 54 -10.91 40.38 27.45
N ALA B 55 -11.76 39.42 27.04
CA ALA B 55 -11.33 38.31 26.21
C ALA B 55 -10.85 38.84 24.87
N CYS B 56 -9.79 38.23 24.31
CA CYS B 56 -9.24 38.67 23.03
C CYS B 56 -10.00 38.02 21.88
N ALA B 57 -10.81 36.99 22.16
CA ALA B 57 -11.65 36.34 21.17
C ALA B 57 -12.65 35.42 21.86
N VAL B 58 -13.68 34.97 21.12
CA VAL B 58 -14.59 33.96 21.62
C VAL B 58 -14.65 32.78 20.65
N MET B 59 -15.02 31.63 21.22
CA MET B 59 -15.15 30.36 20.53
C MET B 59 -16.61 29.93 20.61
N ALA B 60 -17.28 29.90 19.45
CA ALA B 60 -18.71 29.65 19.38
C ALA B 60 -18.98 28.16 19.34
N LEU B 61 -20.01 27.76 20.10
CA LEU B 61 -20.28 26.37 20.45
C LEU B 61 -21.75 26.26 20.82
N GLU B 62 -22.56 25.49 20.08
CA GLU B 62 -24.00 25.45 20.35
C GLU B 62 -24.26 24.62 21.61
N ARG B 63 -23.46 23.57 21.84
CA ARG B 63 -23.43 22.88 23.12
C ARG B 63 -22.00 22.51 23.43
N VAL B 64 -21.66 22.36 24.72
CA VAL B 64 -20.34 21.89 25.10
C VAL B 64 -20.28 20.41 24.71
N PRO B 65 -19.26 19.96 23.93
CA PRO B 65 -19.12 18.54 23.54
C PRO B 65 -18.95 17.55 24.69
N ALA B 66 -18.46 18.05 25.85
CA ALA B 66 -18.43 17.31 27.09
C ALA B 66 -19.78 16.60 27.30
N ASP B 67 -20.88 17.35 27.11
N ASP B 67 -20.88 17.35 27.11
CA ASP B 67 -22.21 17.01 27.59
CA ASP B 67 -22.21 17.01 27.59
C ASP B 67 -23.04 16.28 26.53
C ASP B 67 -23.04 16.28 26.53
N ILE B 68 -22.62 16.38 25.26
CA ILE B 68 -23.21 15.63 24.15
C ILE B 68 -22.66 14.20 24.15
N ARG B 69 -21.36 14.06 24.44
CA ARG B 69 -20.74 12.76 24.60
C ARG B 69 -21.16 12.13 25.93
N ALA B 70 -21.33 12.95 26.98
CA ALA B 70 -21.87 12.47 28.24
C ALA B 70 -23.13 11.64 27.94
N GLN B 71 -23.97 12.13 27.02
CA GLN B 71 -25.18 11.44 26.60
C GLN B 71 -24.90 10.42 25.48
N GLY B 72 -23.63 10.31 25.05
CA GLY B 72 -23.19 9.30 24.10
C GLY B 72 -23.40 9.71 22.64
N GLY B 73 -23.52 11.02 22.39
CA GLY B 73 -23.90 11.55 21.09
C GLY B 73 -22.68 11.93 20.24
N VAL B 74 -22.91 12.24 18.97
CA VAL B 74 -21.88 12.73 18.08
C VAL B 74 -21.85 14.25 18.19
N ALA B 75 -20.64 14.83 18.25
CA ALA B 75 -20.47 16.28 18.38
C ALA B 75 -19.90 16.83 17.08
N ARG B 76 -20.66 17.76 16.46
CA ARG B 76 -20.35 18.25 15.12
C ARG B 76 -20.22 19.78 15.13
N MET B 77 -19.98 20.33 13.95
CA MET B 77 -20.07 21.76 13.73
C MET B 77 -21.39 22.29 14.31
N SER B 78 -21.35 23.52 14.84
CA SER B 78 -22.53 24.19 15.32
C SER B 78 -23.37 24.68 14.14
N ASP B 79 -24.67 24.84 14.39
CA ASP B 79 -25.60 25.47 13.46
C ASP B 79 -25.06 26.84 13.05
N PRO B 80 -24.90 27.13 11.74
CA PRO B 80 -24.37 28.43 11.31
C PRO B 80 -25.20 29.62 11.77
N GLN B 81 -26.47 29.38 12.08
CA GLN B 81 -27.34 30.44 12.53
C GLN B 81 -26.84 31.00 13.86
N MET B 82 -26.52 30.13 14.83
CA MET B 82 -26.17 30.60 16.16
C MET B 82 -24.75 31.19 16.08
N ILE B 83 -23.91 30.72 15.15
CA ILE B 83 -22.60 31.33 14.94
C ILE B 83 -22.78 32.77 14.45
N LYS B 84 -23.72 32.99 13.52
CA LYS B 84 -23.97 34.32 12.99
C LYS B 84 -24.44 35.25 14.10
N GLU B 85 -25.29 34.76 15.02
CA GLU B 85 -25.78 35.57 16.12
C GLU B 85 -24.63 36.06 17.00
N ILE B 86 -23.64 35.20 17.25
CA ILE B 86 -22.52 35.55 18.09
C ILE B 86 -21.60 36.54 17.37
N LYS B 87 -21.34 36.30 16.09
CA LYS B 87 -20.52 37.18 15.25
C LYS B 87 -21.04 38.62 15.29
N GLN B 88 -22.37 38.79 15.44
CA GLN B 88 -23.00 40.11 15.41
C GLN B 88 -23.02 40.75 16.79
N ALA B 89 -23.00 39.95 17.85
CA ALA B 89 -23.10 40.46 19.20
C ALA B 89 -21.80 41.14 19.67
N VAL B 90 -20.67 40.92 18.98
CA VAL B 90 -19.37 41.32 19.52
C VAL B 90 -18.52 41.88 18.39
N THR B 91 -17.40 42.52 18.77
CA THR B 91 -16.50 43.15 17.83
C THR B 91 -15.11 42.49 17.88
N ILE B 92 -14.90 41.61 18.87
CA ILE B 92 -13.70 40.80 18.93
C ILE B 92 -13.81 39.64 17.94
N PRO B 93 -12.68 39.05 17.50
CA PRO B 93 -12.71 37.92 16.57
C PRO B 93 -13.50 36.73 17.10
N VAL B 94 -14.10 35.97 16.18
CA VAL B 94 -14.89 34.79 16.51
C VAL B 94 -14.30 33.54 15.86
N MET B 95 -14.15 32.48 16.66
CA MET B 95 -13.62 31.19 16.23
C MET B 95 -14.74 30.16 16.32
N ALA B 96 -14.59 29.05 15.57
CA ALA B 96 -15.51 27.92 15.67
C ALA B 96 -14.79 26.61 15.33
N LYS B 97 -15.39 25.52 15.83
CA LYS B 97 -14.81 24.19 15.76
C LYS B 97 -15.32 23.44 14.52
N ALA B 98 -14.40 22.75 13.84
CA ALA B 98 -14.72 21.72 12.84
C ALA B 98 -14.17 20.38 13.28
N ARG B 99 -14.86 19.29 12.92
CA ARG B 99 -14.38 17.95 13.20
C ARG B 99 -13.11 17.69 12.41
N ILE B 100 -12.20 16.90 13.01
CA ILE B 100 -10.93 16.57 12.38
C ILE B 100 -11.19 15.82 11.08
N GLY B 101 -10.61 16.32 9.99
CA GLY B 101 -10.78 15.69 8.69
C GLY B 101 -12.02 16.14 7.92
N HIS B 102 -12.92 16.90 8.55
CA HIS B 102 -14.15 17.31 7.88
C HIS B 102 -13.96 18.63 7.15
N PHE B 103 -13.42 18.55 5.94
CA PHE B 103 -13.06 19.74 5.20
C PHE B 103 -14.30 20.47 4.68
N VAL B 104 -15.47 19.82 4.62
CA VAL B 104 -16.65 20.54 4.19
C VAL B 104 -17.24 21.38 5.33
N GLU B 105 -17.19 20.88 6.57
CA GLU B 105 -17.55 21.70 7.71
C GLU B 105 -16.72 22.98 7.69
N ALA B 106 -15.44 22.87 7.35
CA ALA B 106 -14.55 24.03 7.32
C ALA B 106 -14.93 24.99 6.21
N GLN B 107 -15.31 24.47 5.04
CA GLN B 107 -15.72 25.30 3.91
C GLN B 107 -16.93 26.15 4.30
N ILE B 108 -17.84 25.55 5.08
CA ILE B 108 -19.03 26.25 5.49
C ILE B 108 -18.62 27.37 6.45
N LEU B 109 -17.74 27.06 7.41
CA LEU B 109 -17.30 28.04 8.40
C LEU B 109 -16.59 29.20 7.72
N GLU B 110 -15.75 28.93 6.73
CA GLU B 110 -15.10 29.98 5.95
C GLU B 110 -16.15 30.87 5.27
N ALA B 111 -17.19 30.28 4.66
CA ALA B 111 -18.15 31.05 3.88
C ALA B 111 -19.02 31.95 4.78
N ILE B 112 -19.27 31.54 6.03
CA ILE B 112 -19.95 32.36 7.03
C ILE B 112 -19.15 33.63 7.33
N GLY B 113 -17.83 33.61 7.14
CA GLY B 113 -16.97 34.76 7.43
C GLY B 113 -16.55 34.90 8.91
N ILE B 114 -16.26 33.79 9.60
CA ILE B 114 -15.58 33.88 10.89
C ILE B 114 -14.07 34.07 10.67
N ASP B 115 -13.33 34.14 11.78
CA ASP B 115 -11.96 34.65 11.78
C ASP B 115 -10.96 33.52 11.90
N TYR B 116 -11.30 32.48 12.68
CA TYR B 116 -10.40 31.34 12.91
C TYR B 116 -11.24 30.07 12.97
N ILE B 117 -10.70 28.97 12.43
CA ILE B 117 -11.30 27.66 12.60
C ILE B 117 -10.39 26.80 13.47
N ASP B 118 -11.00 26.12 14.46
CA ASP B 118 -10.31 25.18 15.31
C ASP B 118 -10.66 23.74 14.87
N GLU B 119 -9.67 23.05 14.27
CA GLU B 119 -9.81 21.63 13.95
C GLU B 119 -9.62 20.85 15.24
N SER B 120 -10.72 20.41 15.85
CA SER B 120 -10.77 20.12 17.28
C SER B 120 -11.05 18.64 17.58
N GLU B 121 -10.17 18.09 18.42
CA GLU B 121 -10.31 16.72 18.92
C GLU B 121 -11.39 16.60 19.98
N VAL B 122 -11.97 17.72 20.42
CA VAL B 122 -13.06 17.70 21.37
C VAL B 122 -14.37 17.33 20.65
N LEU B 123 -14.47 17.64 19.36
CA LEU B 123 -15.56 17.13 18.54
C LEU B 123 -15.26 15.70 18.10
N THR B 124 -16.28 14.98 17.61
CA THR B 124 -16.13 13.62 17.11
C THR B 124 -15.28 13.61 15.84
N LEU B 125 -14.27 12.76 15.80
CA LEU B 125 -13.39 12.58 14.65
C LEU B 125 -14.20 12.16 13.41
N ALA B 126 -13.83 12.68 12.25
CA ALA B 126 -14.51 12.37 10.99
C ALA B 126 -13.63 11.54 10.07
N ASP B 127 -12.31 11.71 10.16
CA ASP B 127 -11.36 10.95 9.36
C ASP B 127 -10.26 10.48 10.31
N GLU B 128 -10.11 9.16 10.40
CA GLU B 128 -9.20 8.56 11.36
C GLU B 128 -7.75 8.72 10.92
N ASP B 129 -7.49 8.95 9.63
CA ASP B 129 -6.12 8.90 9.14
C ASP B 129 -5.58 10.24 8.61
N HIS B 130 -6.47 11.20 8.30
CA HIS B 130 -6.07 12.43 7.63
C HIS B 130 -6.73 13.64 8.31
N HIS B 131 -5.92 14.68 8.52
CA HIS B 131 -6.41 15.97 8.95
C HIS B 131 -6.82 16.76 7.71
N ILE B 132 -7.51 17.88 7.93
CA ILE B 132 -7.80 18.83 6.88
C ILE B 132 -6.49 19.39 6.33
N ASN B 133 -6.42 19.48 5.00
CA ASN B 133 -5.38 20.25 4.34
C ASN B 133 -5.72 21.74 4.45
N LYS B 134 -5.07 22.40 5.42
CA LYS B 134 -5.47 23.72 5.88
C LYS B 134 -4.93 24.81 4.95
N HIS B 135 -3.98 24.45 4.08
CA HIS B 135 -3.46 25.37 3.09
C HIS B 135 -4.49 25.71 2.03
N ASN B 136 -5.58 24.93 1.89
CA ASN B 136 -6.57 25.20 0.86
C ASN B 136 -7.61 26.24 1.31
N PHE B 137 -7.33 27.00 2.37
CA PHE B 137 -8.31 27.91 2.91
C PHE B 137 -7.66 29.26 3.12
N ARG B 138 -8.49 30.29 3.23
CA ARG B 138 -8.02 31.66 3.31
C ARG B 138 -7.89 32.06 4.77
N ILE B 139 -8.71 31.50 5.66
CA ILE B 139 -8.64 31.89 7.07
C ILE B 139 -7.75 30.92 7.85
N PRO B 140 -7.19 31.38 8.98
CA PRO B 140 -6.22 30.60 9.73
C PRO B 140 -6.87 29.53 10.60
N PHE B 141 -6.09 28.48 10.88
CA PHE B 141 -6.55 27.34 11.66
C PHE B 141 -5.76 27.23 12.97
N VAL B 142 -6.46 26.76 14.00
CA VAL B 142 -5.84 26.25 15.22
C VAL B 142 -5.88 24.71 15.21
N CYS B 143 -4.78 24.09 15.67
CA CYS B 143 -4.73 22.66 15.94
C CYS B 143 -4.14 22.39 17.32
N GLY B 144 -4.49 21.22 17.88
CA GLY B 144 -3.95 20.75 19.16
C GLY B 144 -2.71 19.86 19.00
N CYS B 145 -1.96 19.70 20.09
CA CYS B 145 -0.78 18.86 20.07
C CYS B 145 -0.47 18.38 21.50
N ARG B 146 0.22 17.23 21.61
CA ARG B 146 0.70 16.70 22.88
C ARG B 146 2.22 16.78 22.97
N ASN B 147 2.90 16.98 21.84
CA ASN B 147 4.36 16.98 21.77
C ASN B 147 4.82 17.74 20.53
N LEU B 148 6.15 17.93 20.40
CA LEU B 148 6.74 18.74 19.36
C LEU B 148 6.52 18.15 17.97
N GLY B 149 6.66 16.82 17.84
CA GLY B 149 6.44 16.16 16.56
C GLY B 149 5.04 16.42 16.00
N GLU B 150 4.04 16.31 16.87
CA GLU B 150 2.65 16.48 16.46
C GLU B 150 2.41 17.94 16.04
N ALA B 151 3.05 18.86 16.74
CA ALA B 151 2.87 20.30 16.47
C ALA B 151 3.43 20.65 15.10
N LEU B 152 4.60 20.11 14.78
CA LEU B 152 5.26 20.42 13.52
C LEU B 152 4.50 19.79 12.36
N ARG B 153 3.85 18.64 12.60
CA ARG B 153 3.04 18.00 11.57
C ARG B 153 1.83 18.86 11.27
N ARG B 154 1.17 19.39 12.32
CA ARG B 154 0.00 20.24 12.15
C ARG B 154 0.38 21.52 11.41
N ILE B 155 1.54 22.10 11.75
CA ILE B 155 2.00 23.32 11.10
C ILE B 155 2.23 23.07 9.61
N ARG B 156 2.92 21.98 9.25
CA ARG B 156 3.20 21.73 7.84
C ARG B 156 1.89 21.55 7.05
N GLU B 157 0.85 21.04 7.69
CA GLU B 157 -0.46 20.89 7.07
C GLU B 157 -1.13 22.25 6.93
N GLY B 158 -0.65 23.25 7.70
CA GLY B 158 -1.02 24.65 7.51
C GLY B 158 -1.69 25.31 8.73
N ALA B 159 -1.61 24.70 9.91
CA ALA B 159 -2.05 25.39 11.12
C ALA B 159 -1.20 26.65 11.37
N ALA B 160 -1.86 27.75 11.76
CA ALA B 160 -1.19 29.02 11.98
C ALA B 160 -0.99 29.27 13.49
N MET B 161 -1.58 28.39 14.30
CA MET B 161 -1.63 28.57 15.74
C MET B 161 -1.77 27.20 16.38
N ILE B 162 -1.06 26.97 17.48
CA ILE B 162 -1.03 25.69 18.17
C ILE B 162 -1.56 25.87 19.60
N ARG B 163 -2.31 24.87 20.08
CA ARG B 163 -2.65 24.78 21.48
C ARG B 163 -2.34 23.38 22.01
N THR B 164 -2.25 23.24 23.34
CA THR B 164 -2.17 21.92 23.95
C THR B 164 -3.53 21.24 23.84
N LYS B 165 -3.50 19.91 23.78
CA LYS B 165 -4.75 19.16 23.82
C LYS B 165 -5.28 19.20 25.24
N GLY B 166 -4.34 19.08 26.19
CA GLY B 166 -4.70 18.97 27.60
C GLY B 166 -5.67 17.83 27.83
N GLU B 167 -6.70 18.09 28.63
CA GLU B 167 -7.79 17.14 28.80
C GLU B 167 -9.02 17.98 29.11
N ALA B 168 -9.88 18.09 28.10
CA ALA B 168 -11.01 18.99 28.16
C ALA B 168 -12.07 18.40 29.06
N GLY B 169 -12.65 19.29 29.89
CA GLY B 169 -13.90 19.04 30.59
C GLY B 169 -13.71 18.59 32.04
N THR B 170 -12.47 18.50 32.53
CA THR B 170 -12.21 17.89 33.84
C THR B 170 -11.83 18.93 34.89
N GLY B 171 -11.38 20.13 34.48
CA GLY B 171 -10.83 21.12 35.39
C GLY B 171 -9.48 20.69 36.00
N ASN B 172 -8.84 19.66 35.41
CA ASN B 172 -7.58 19.17 35.89
C ASN B 172 -6.46 19.58 34.92
N ILE B 173 -5.43 20.23 35.48
CA ILE B 173 -4.44 20.95 34.71
C ILE B 173 -3.27 20.04 34.29
N ILE B 174 -3.24 18.81 34.81
CA ILE B 174 -2.05 17.95 34.77
C ILE B 174 -1.65 17.60 33.33
N GLU B 175 -2.64 17.29 32.47
CA GLU B 175 -2.34 16.91 31.10
C GLU B 175 -1.74 18.11 30.35
N ALA B 176 -2.28 19.30 30.62
CA ALA B 176 -1.82 20.52 29.97
C ALA B 176 -0.37 20.81 30.36
N VAL B 177 -0.03 20.60 31.62
CA VAL B 177 1.33 20.82 32.08
C VAL B 177 2.26 19.83 31.38
N ARG B 178 1.83 18.56 31.25
CA ARG B 178 2.67 17.55 30.62
C ARG B 178 3.02 17.98 29.19
N HIS B 179 2.02 18.48 28.47
CA HIS B 179 2.15 18.82 27.06
C HIS B 179 3.04 20.05 26.85
N VAL B 180 2.85 21.10 27.66
CA VAL B 180 3.68 22.30 27.58
C VAL B 180 5.13 21.94 27.86
N ARG B 181 5.36 21.17 28.95
CA ARG B 181 6.72 20.83 29.35
C ARG B 181 7.39 20.00 28.26
N SER B 182 6.62 19.09 27.65
CA SER B 182 7.10 18.24 26.59
C SER B 182 7.55 19.05 25.36
N VAL B 183 6.66 19.92 24.85
CA VAL B 183 6.97 20.74 23.69
C VAL B 183 8.18 21.64 23.97
N ASN B 184 8.13 22.39 25.07
CA ASN B 184 9.17 23.36 25.37
C ASN B 184 10.49 22.63 25.61
N GLY B 185 10.40 21.45 26.20
CA GLY B 185 11.60 20.71 26.56
C GLY B 185 12.37 20.25 25.34
N ASP B 186 11.62 19.78 24.34
CA ASP B 186 12.23 19.31 23.11
C ASP B 186 12.81 20.46 22.30
N ILE B 187 12.16 21.62 22.32
CA ILE B 187 12.69 22.79 21.66
C ILE B 187 14.07 23.18 22.25
N ARG B 188 14.19 23.09 23.59
CA ARG B 188 15.43 23.44 24.27
C ARG B 188 16.50 22.43 23.89
N VAL B 189 16.14 21.14 23.83
CA VAL B 189 17.08 20.11 23.44
C VAL B 189 17.59 20.42 22.04
N LEU B 190 16.66 20.79 21.16
CA LEU B 190 16.96 20.93 19.75
C LEU B 190 17.90 22.11 19.52
N ARG B 191 17.68 23.19 20.27
N ARG B 191 17.68 23.20 20.27
CA ARG B 191 18.40 24.44 20.07
CA ARG B 191 18.40 24.43 20.06
C ARG B 191 19.92 24.25 20.16
C ARG B 191 19.92 24.25 20.15
N ASN B 192 20.37 23.34 21.02
CA ASN B 192 21.78 23.21 21.39
C ASN B 192 22.45 21.97 20.77
N MET B 193 21.69 21.21 19.99
CA MET B 193 22.04 19.89 19.50
C MET B 193 23.04 20.00 18.35
N ASP B 194 24.02 19.09 18.31
CA ASP B 194 24.93 18.92 17.19
C ASP B 194 24.12 18.84 15.88
N ASP B 195 24.45 19.69 14.90
CA ASP B 195 23.69 19.75 13.66
C ASP B 195 23.62 18.41 12.94
N ASP B 196 24.70 17.63 13.03
CA ASP B 196 24.79 16.34 12.38
C ASP B 196 23.79 15.34 12.97
N GLU B 197 23.31 15.58 14.19
CA GLU B 197 22.39 14.67 14.86
C GLU B 197 20.91 15.03 14.58
N VAL B 198 20.64 16.15 13.92
CA VAL B 198 19.27 16.59 13.72
C VAL B 198 18.49 15.70 12.72
N PHE B 199 19.20 15.06 11.78
CA PHE B 199 18.54 14.19 10.82
C PHE B 199 17.82 13.06 11.55
N THR B 200 18.55 12.38 12.44
CA THR B 200 17.98 11.27 13.19
C THR B 200 16.86 11.76 14.12
N PHE B 201 17.03 12.95 14.69
CA PHE B 201 16.03 13.50 15.58
C PHE B 201 14.71 13.74 14.84
N ALA B 202 14.79 14.25 13.60
CA ALA B 202 13.60 14.47 12.77
C ALA B 202 12.91 13.16 12.47
N LYS B 203 13.69 12.11 12.18
CA LYS B 203 13.16 10.79 11.92
C LYS B 203 12.36 10.29 13.12
N LYS B 204 12.89 10.45 14.34
CA LYS B 204 12.29 9.90 15.54
C LYS B 204 11.00 10.66 15.89
N LEU B 205 10.94 11.95 15.58
CA LEU B 205 9.75 12.74 15.80
C LEU B 205 8.73 12.53 14.68
N ALA B 206 9.15 11.93 13.54
CA ALA B 206 8.32 11.82 12.35
C ALA B 206 7.79 13.20 11.93
N ALA B 207 8.70 14.15 11.86
CA ALA B 207 8.36 15.53 11.55
C ALA B 207 9.23 15.99 10.39
N PRO B 208 8.76 16.97 9.59
CA PRO B 208 9.54 17.44 8.45
C PRO B 208 10.82 18.10 8.89
N TYR B 209 11.94 17.65 8.33
CA TYR B 209 13.26 18.12 8.70
C TYR B 209 13.37 19.65 8.59
N ASP B 210 12.78 20.22 7.56
CA ASP B 210 12.99 21.62 7.25
C ASP B 210 12.37 22.49 8.34
N LEU B 211 11.21 22.08 8.86
CA LEU B 211 10.55 22.74 9.98
C LEU B 211 11.29 22.50 11.31
N VAL B 212 11.93 21.33 11.45
CA VAL B 212 12.74 21.06 12.62
C VAL B 212 13.91 22.04 12.64
N MET B 213 14.63 22.21 11.52
CA MET B 213 15.79 23.08 11.46
C MET B 213 15.41 24.54 11.69
N GLN B 214 14.23 24.93 11.21
CA GLN B 214 13.72 26.27 11.42
C GLN B 214 13.40 26.51 12.89
N THR B 215 12.86 25.50 13.56
CA THR B 215 12.53 25.60 14.98
C THR B 215 13.84 25.72 15.77
N LYS B 216 14.91 25.11 15.26
CA LYS B 216 16.21 25.18 15.92
C LYS B 216 16.78 26.60 15.85
N GLN B 217 16.65 27.24 14.69
CA GLN B 217 17.19 28.59 14.52
C GLN B 217 16.40 29.62 15.30
N LEU B 218 15.06 29.58 15.23
CA LEU B 218 14.23 30.49 16.00
C LEU B 218 14.42 30.29 17.50
N GLY B 219 14.66 29.06 17.95
CA GLY B 219 14.68 28.75 19.37
C GLY B 219 13.29 28.78 20.01
N ARG B 220 12.24 28.76 19.19
CA ARG B 220 10.87 28.62 19.65
C ARG B 220 10.01 28.09 18.49
N LEU B 221 8.75 27.79 18.80
CA LEU B 221 7.81 27.32 17.81
C LEU B 221 7.55 28.43 16.79
N PRO B 222 7.55 28.15 15.47
CA PRO B 222 7.29 29.18 14.45
C PRO B 222 5.93 29.86 14.49
N VAL B 223 5.02 29.41 15.36
CA VAL B 223 3.68 29.95 15.44
C VAL B 223 3.37 30.15 16.92
N VAL B 224 2.27 30.89 17.18
CA VAL B 224 1.82 31.18 18.51
C VAL B 224 1.40 29.88 19.20
N GLN B 225 1.69 29.76 20.50
CA GLN B 225 1.44 28.54 21.25
C GLN B 225 0.61 28.87 22.48
N PHE B 226 -0.65 28.42 22.51
CA PHE B 226 -1.54 28.63 23.64
C PHE B 226 -1.71 27.36 24.46
N ALA B 227 -2.13 27.53 25.72
CA ALA B 227 -2.46 26.41 26.57
C ALA B 227 -3.98 26.23 26.57
N ALA B 228 -4.42 24.98 26.69
CA ALA B 228 -5.84 24.65 26.66
C ALA B 228 -6.07 23.31 27.38
N GLY B 229 -7.22 23.19 28.02
CA GLY B 229 -7.64 21.94 28.63
C GLY B 229 -7.33 21.91 30.11
N GLY B 230 -8.30 22.32 30.93
CA GLY B 230 -8.27 22.08 32.36
C GLY B 230 -7.95 23.33 33.18
N VAL B 231 -7.75 24.47 32.49
CA VAL B 231 -7.53 25.74 33.16
C VAL B 231 -8.82 26.17 33.84
N ALA B 232 -8.79 26.25 35.17
CA ALA B 232 -9.98 26.43 35.99
C ALA B 232 -9.88 27.65 36.91
N THR B 233 -8.65 28.04 37.31
CA THR B 233 -8.47 29.11 38.28
C THR B 233 -7.48 30.14 37.75
N PRO B 234 -7.47 31.36 38.33
CA PRO B 234 -6.44 32.34 38.01
C PRO B 234 -5.03 31.79 38.14
N ALA B 235 -4.81 30.97 39.18
CA ALA B 235 -3.49 30.39 39.40
C ALA B 235 -3.08 29.45 38.24
N ASP B 236 -4.03 28.61 37.79
CA ASP B 236 -3.84 27.78 36.62
C ASP B 236 -3.38 28.61 35.41
N ALA B 237 -4.12 29.67 35.12
CA ALA B 237 -3.84 30.49 33.93
C ALA B 237 -2.46 31.12 34.05
N ALA B 238 -2.10 31.61 35.23
CA ALA B 238 -0.81 32.27 35.43
C ALA B 238 0.36 31.28 35.29
N LEU B 239 0.15 30.06 35.80
CA LEU B 239 1.12 28.97 35.70
C LEU B 239 1.48 28.69 34.23
N MET B 240 0.45 28.60 33.38
CA MET B 240 0.64 28.35 31.96
C MET B 240 1.49 29.46 31.34
N MET B 241 1.25 30.72 31.74
CA MET B 241 2.03 31.85 31.21
C MET B 241 3.46 31.80 31.73
N GLN B 242 3.65 31.44 33.01
CA GLN B 242 4.98 31.31 33.58
C GLN B 242 5.76 30.17 32.94
N LEU B 243 5.06 29.14 32.44
CA LEU B 243 5.74 28.03 31.77
C LEU B 243 6.08 28.37 30.31
N GLY B 244 5.60 29.50 29.78
CA GLY B 244 6.08 30.01 28.51
C GLY B 244 5.03 30.02 27.39
N CYS B 245 3.77 29.81 27.72
CA CYS B 245 2.72 29.93 26.72
C CYS B 245 2.50 31.40 26.36
N ASP B 246 1.85 31.61 25.21
CA ASP B 246 1.55 32.93 24.70
C ASP B 246 0.13 33.37 25.06
N GLY B 247 -0.66 32.51 25.71
CA GLY B 247 -2.06 32.80 26.00
C GLY B 247 -2.79 31.53 26.43
N VAL B 248 -4.09 31.63 26.70
CA VAL B 248 -4.84 30.51 27.26
C VAL B 248 -6.25 30.44 26.67
N PHE B 249 -6.76 29.21 26.49
CA PHE B 249 -8.17 28.95 26.21
C PHE B 249 -8.85 28.52 27.52
N VAL B 250 -10.13 28.86 27.66
CA VAL B 250 -10.92 28.55 28.84
C VAL B 250 -12.32 28.15 28.40
N GLY B 251 -12.87 27.11 29.03
CA GLY B 251 -14.16 26.53 28.67
C GLY B 251 -15.31 27.24 29.36
N SER B 252 -16.54 26.72 29.21
CA SER B 252 -17.74 27.43 29.61
C SER B 252 -18.10 27.17 31.08
N GLY B 253 -17.23 26.44 31.80
CA GLY B 253 -17.34 26.27 33.25
C GLY B 253 -17.42 27.62 33.96
N ILE B 254 -16.73 28.62 33.41
CA ILE B 254 -16.80 30.01 33.84
C ILE B 254 -18.24 30.51 34.02
N PHE B 255 -19.17 29.98 33.21
CA PHE B 255 -20.53 30.52 33.18
C PHE B 255 -21.47 29.69 34.07
N LYS B 256 -20.95 28.64 34.71
CA LYS B 256 -21.76 27.77 35.56
C LYS B 256 -21.63 28.17 37.04
N SER B 257 -20.83 29.21 37.33
CA SER B 257 -20.58 29.65 38.69
C SER B 257 -21.27 30.98 38.93
N GLY B 258 -21.15 31.48 40.16
CA GLY B 258 -21.71 32.78 40.52
C GLY B 258 -20.92 33.93 39.87
N ASP B 259 -21.61 35.06 39.70
CA ASP B 259 -21.07 36.25 39.05
C ASP B 259 -20.01 35.86 38.01
N PRO B 260 -20.44 35.36 36.82
CA PRO B 260 -19.50 34.81 35.84
C PRO B 260 -18.67 35.91 35.18
N ALA B 261 -19.19 37.15 35.23
CA ALA B 261 -18.45 38.34 34.86
C ALA B 261 -17.21 38.51 35.74
N ARG B 262 -17.30 38.07 37.01
CA ARG B 262 -16.21 38.25 37.95
C ARG B 262 -15.14 37.19 37.69
N ARG B 263 -15.59 35.94 37.45
CA ARG B 263 -14.66 34.84 37.25
C ARG B 263 -13.91 35.02 35.91
N ALA B 264 -14.63 35.51 34.89
CA ALA B 264 -14.05 35.80 33.59
C ALA B 264 -12.97 36.88 33.68
N ARG B 265 -13.32 37.99 34.33
CA ARG B 265 -12.42 39.12 34.49
C ARG B 265 -11.16 38.69 35.23
N ALA B 266 -11.34 37.81 36.23
CA ALA B 266 -10.26 37.37 37.10
C ALA B 266 -9.17 36.64 36.31
N ILE B 267 -9.61 35.81 35.36
CA ILE B 267 -8.69 35.03 34.55
C ILE B 267 -7.96 35.94 33.58
N VAL B 268 -8.65 36.97 33.05
CA VAL B 268 -8.01 37.93 32.16
C VAL B 268 -6.93 38.67 32.93
N GLN B 269 -7.29 39.13 34.14
CA GLN B 269 -6.38 39.86 34.98
C GLN B 269 -5.15 39.03 35.29
N ALA B 270 -5.35 37.73 35.56
CA ALA B 270 -4.28 36.80 35.90
C ALA B 270 -3.30 36.62 34.75
N VAL B 271 -3.81 36.51 33.52
CA VAL B 271 -2.96 36.37 32.34
C VAL B 271 -2.18 37.67 32.08
N THR B 272 -2.82 38.81 32.36
CA THR B 272 -2.22 40.12 32.16
C THR B 272 -1.13 40.37 33.20
N HIS B 273 -1.38 39.99 34.47
CA HIS B 273 -0.44 40.22 35.56
C HIS B 273 0.14 38.91 36.08
N TYR B 274 0.61 38.06 35.16
CA TYR B 274 0.89 36.68 35.52
C TYR B 274 2.11 36.55 36.44
N SER B 275 2.98 37.57 36.49
CA SER B 275 4.16 37.49 37.33
C SER B 275 4.07 38.45 38.52
N ASP B 276 2.84 38.85 38.89
CA ASP B 276 2.62 39.67 40.08
C ASP B 276 1.74 38.92 41.09
N PRO B 277 2.34 38.26 42.11
CA PRO B 277 1.58 37.51 43.11
C PRO B 277 0.52 38.33 43.84
N GLU B 278 0.82 39.61 44.06
CA GLU B 278 -0.05 40.50 44.81
C GLU B 278 -1.36 40.68 44.04
N MET B 279 -1.22 40.90 42.74
CA MET B 279 -2.38 40.96 41.87
C MET B 279 -3.16 39.65 41.87
N LEU B 280 -2.45 38.51 41.82
CA LEU B 280 -3.10 37.21 41.77
C LEU B 280 -3.89 36.93 43.05
N VAL B 281 -3.40 37.44 44.19
CA VAL B 281 -4.14 37.32 45.43
C VAL B 281 -5.48 38.03 45.31
N GLU B 282 -5.43 39.27 44.78
CA GLU B 282 -6.59 40.15 44.74
C GLU B 282 -7.70 39.53 43.90
N VAL B 283 -7.36 39.00 42.72
CA VAL B 283 -8.36 38.50 41.78
C VAL B 283 -8.89 37.13 42.24
N SER B 284 -8.09 36.38 43.02
CA SER B 284 -8.46 35.05 43.46
C SER B 284 -9.37 35.08 44.68
N CYS B 285 -9.41 36.23 45.38
CA CYS B 285 -10.02 36.34 46.69
CA CYS B 285 -10.02 36.34 46.69
C CYS B 285 -11.55 36.32 46.58
N GLY B 286 -12.18 35.38 47.28
CA GLY B 286 -13.62 35.30 47.40
C GLY B 286 -14.30 34.99 46.08
N LEU B 287 -13.70 34.10 45.28
CA LEU B 287 -14.20 33.83 43.94
C LEU B 287 -15.34 32.80 43.97
N GLY B 288 -15.60 32.18 45.13
CA GLY B 288 -16.62 31.16 45.22
C GLY B 288 -16.13 29.84 44.63
N GLU B 289 -17.08 29.00 44.14
CA GLU B 289 -16.82 27.60 43.79
C GLU B 289 -16.71 27.38 42.28
N ALA B 290 -15.83 26.41 41.92
CA ALA B 290 -15.64 25.93 40.55
C ALA B 290 -16.07 24.46 40.44
N SER C 21 22.69 25.94 -6.32
CA SER C 21 23.33 25.34 -5.11
C SER C 21 24.45 24.38 -5.54
N PRO C 22 25.42 24.07 -4.66
CA PRO C 22 26.38 23.00 -4.95
C PRO C 22 25.76 21.60 -4.89
N PHE C 23 24.56 21.45 -4.29
CA PHE C 23 23.89 20.15 -4.26
C PHE C 23 23.48 19.73 -5.68
N SER C 24 22.81 20.62 -6.42
CA SER C 24 22.41 20.31 -7.78
C SER C 24 23.61 20.11 -8.71
N VAL C 25 24.76 20.67 -8.36
CA VAL C 25 25.97 20.38 -9.13
C VAL C 25 26.38 18.92 -8.96
N LYS C 26 26.30 18.42 -7.72
CA LYS C 26 26.65 17.03 -7.39
C LYS C 26 25.64 16.09 -8.04
N VAL C 27 24.37 16.45 -7.99
CA VAL C 27 23.35 15.65 -8.65
C VAL C 27 23.67 15.53 -10.15
N GLY C 28 24.00 16.67 -10.78
CA GLY C 28 24.40 16.70 -12.18
C GLY C 28 25.61 15.81 -12.50
N LEU C 29 26.63 15.82 -11.64
CA LEU C 29 27.80 14.98 -11.86
C LEU C 29 27.39 13.51 -11.92
N ALA C 30 26.53 13.08 -11.01
CA ALA C 30 26.16 11.68 -10.90
C ALA C 30 25.34 11.23 -12.12
N GLN C 31 24.62 12.15 -12.76
CA GLN C 31 23.85 11.83 -13.95
C GLN C 31 24.74 11.43 -15.14
N MET C 32 26.02 11.80 -15.17
CA MET C 32 26.88 11.40 -16.27
C MET C 32 27.11 9.90 -16.30
N LEU C 33 26.80 9.22 -15.18
CA LEU C 33 27.02 7.80 -15.04
C LEU C 33 25.83 7.00 -15.55
N ARG C 34 24.69 7.68 -15.80
CA ARG C 34 23.49 6.98 -16.22
C ARG C 34 23.83 6.06 -17.41
N GLY C 35 23.32 4.83 -17.40
CA GLY C 35 23.53 3.91 -18.50
C GLY C 35 24.81 3.07 -18.35
N GLY C 36 25.54 3.24 -17.25
CA GLY C 36 26.84 2.60 -17.12
C GLY C 36 26.93 1.47 -16.09
N VAL C 37 28.10 0.84 -16.06
CA VAL C 37 28.45 -0.20 -15.13
C VAL C 37 29.66 0.24 -14.32
N ILE C 38 29.64 -0.06 -13.01
CA ILE C 38 30.71 0.31 -12.10
C ILE C 38 31.30 -0.96 -11.52
N MET C 39 32.62 -1.11 -11.59
CA MET C 39 33.26 -2.37 -11.23
C MET C 39 34.19 -2.15 -10.04
N ASP C 40 34.16 -3.12 -9.11
CA ASP C 40 35.06 -3.14 -7.98
C ASP C 40 36.40 -3.68 -8.45
N VAL C 41 37.50 -3.03 -8.03
CA VAL C 41 38.85 -3.44 -8.41
C VAL C 41 39.76 -3.37 -7.19
N VAL C 42 40.78 -4.25 -7.17
CA VAL C 42 41.72 -4.35 -6.05
C VAL C 42 43.14 -3.94 -6.48
N ASN C 43 43.36 -3.59 -7.75
CA ASN C 43 44.68 -3.19 -8.21
C ASN C 43 44.54 -2.45 -9.55
N ALA C 44 45.66 -1.94 -10.05
CA ALA C 44 45.67 -1.10 -11.23
C ALA C 44 45.42 -1.91 -12.49
N GLU C 45 45.80 -3.19 -12.45
CA GLU C 45 45.62 -4.08 -13.59
C GLU C 45 44.12 -4.26 -13.83
N GLN C 46 43.42 -4.69 -12.77
CA GLN C 46 41.97 -4.83 -12.79
C GLN C 46 41.32 -3.52 -13.25
N ALA C 47 41.82 -2.40 -12.74
CA ALA C 47 41.26 -1.09 -13.08
C ALA C 47 41.36 -0.86 -14.59
N ARG C 48 42.45 -1.35 -15.21
CA ARG C 48 42.68 -1.08 -16.62
C ARG C 48 41.77 -1.98 -17.47
N ILE C 49 41.58 -3.23 -17.04
CA ILE C 49 40.72 -4.14 -17.76
C ILE C 49 39.30 -3.56 -17.78
N ALA C 50 38.88 -3.08 -16.59
CA ALA C 50 37.59 -2.44 -16.41
C ALA C 50 37.39 -1.26 -17.37
N GLU C 51 38.40 -0.38 -17.47
CA GLU C 51 38.30 0.81 -18.30
C GLU C 51 38.18 0.43 -19.77
N GLU C 52 39.01 -0.56 -20.16
CA GLU C 52 39.07 -1.06 -21.52
C GLU C 52 37.76 -1.70 -21.91
N ALA C 53 37.16 -2.45 -20.96
CA ALA C 53 35.89 -3.15 -21.17
C ALA C 53 34.72 -2.17 -21.31
N GLY C 54 34.87 -0.93 -20.84
CA GLY C 54 33.86 0.11 -21.05
C GLY C 54 33.08 0.44 -19.77
N ALA C 55 33.66 0.15 -18.59
CA ALA C 55 33.09 0.57 -17.33
C ALA C 55 33.07 2.09 -17.26
N CYS C 56 32.00 2.66 -16.69
CA CYS C 56 31.88 4.11 -16.59
C CYS C 56 32.64 4.66 -15.39
N ALA C 57 33.03 3.78 -14.45
CA ALA C 57 33.82 4.15 -13.29
C ALA C 57 34.33 2.88 -12.59
N VAL C 58 35.28 3.04 -11.65
CA VAL C 58 35.71 1.93 -10.83
C VAL C 58 35.60 2.30 -9.35
N MET C 59 35.47 1.26 -8.52
CA MET C 59 35.39 1.34 -7.08
C MET C 59 36.63 0.66 -6.47
N ALA C 60 37.47 1.45 -5.81
CA ALA C 60 38.73 0.97 -5.27
C ALA C 60 38.54 0.32 -3.91
N LEU C 61 39.24 -0.80 -3.72
CA LEU C 61 39.03 -1.72 -2.63
C LEU C 61 40.32 -2.51 -2.41
N GLU C 62 40.96 -2.38 -1.24
CA GLU C 62 42.24 -3.07 -1.03
C GLU C 62 41.96 -4.56 -0.80
N ARG C 63 40.86 -4.87 -0.13
CA ARG C 63 40.39 -6.25 0.01
C ARG C 63 38.88 -6.22 -0.04
N VAL C 64 38.28 -7.31 -0.52
CA VAL C 64 36.82 -7.43 -0.52
C VAL C 64 36.40 -7.59 0.93
N PRO C 65 35.46 -6.76 1.45
CA PRO C 65 34.99 -6.87 2.85
C PRO C 65 34.30 -8.18 3.20
N ALA C 66 33.78 -8.88 2.19
CA ALA C 66 33.28 -10.24 2.31
C ALA C 66 34.27 -11.09 3.11
N ASP C 67 35.57 -10.97 2.75
CA ASP C 67 36.61 -11.92 3.11
C ASP C 67 37.37 -11.50 4.37
N ILE C 68 37.26 -10.21 4.75
CA ILE C 68 37.80 -9.68 6.00
C ILE C 68 36.85 -10.04 7.15
N ARG C 69 35.54 -9.95 6.89
CA ARG C 69 34.52 -10.36 7.85
C ARG C 69 34.47 -11.90 7.91
N ALA C 70 34.67 -12.57 6.77
CA ALA C 70 34.77 -14.03 6.77
C ALA C 70 35.75 -14.45 7.86
N GLN C 71 36.87 -13.72 7.98
CA GLN C 71 37.86 -13.97 9.02
C GLN C 71 37.50 -13.28 10.35
N GLY C 72 36.38 -12.54 10.38
CA GLY C 72 35.85 -11.94 11.59
C GLY C 72 36.49 -10.58 11.91
N GLY C 73 37.05 -9.92 10.89
CA GLY C 73 37.84 -8.70 11.07
C GLY C 73 36.98 -7.45 10.87
N VAL C 74 37.54 -6.28 11.21
CA VAL C 74 36.89 -5.01 10.95
C VAL C 74 37.30 -4.55 9.55
N ALA C 75 36.35 -4.01 8.78
CA ALA C 75 36.60 -3.56 7.42
C ALA C 75 36.48 -2.04 7.39
N ARG C 76 37.56 -1.39 6.95
CA ARG C 76 37.71 0.06 7.04
C ARG C 76 38.04 0.63 5.65
N MET C 77 38.27 1.94 5.64
CA MET C 77 38.82 2.63 4.48
C MET C 77 40.05 1.86 3.98
N SER C 78 40.26 1.88 2.66
CA SER C 78 41.46 1.34 2.06
C SER C 78 42.62 2.29 2.28
N ASP C 79 43.85 1.72 2.24
CA ASP C 79 45.08 2.50 2.30
C ASP C 79 45.07 3.56 1.21
N PRO C 80 45.28 4.86 1.52
CA PRO C 80 45.28 5.90 0.49
C PRO C 80 46.30 5.67 -0.63
N GLN C 81 47.34 4.91 -0.33
CA GLN C 81 48.39 4.67 -1.29
C GLN C 81 47.84 3.88 -2.46
N MET C 82 47.08 2.79 -2.17
CA MET C 82 46.63 1.92 -3.24
C MET C 82 45.52 2.64 -4.01
N ILE C 83 44.77 3.52 -3.35
CA ILE C 83 43.77 4.33 -4.03
C ILE C 83 44.46 5.25 -5.05
N LYS C 84 45.58 5.86 -4.65
CA LYS C 84 46.33 6.77 -5.53
C LYS C 84 46.85 6.00 -6.75
N GLU C 85 47.30 4.76 -6.57
CA GLU C 85 47.78 3.94 -7.68
C GLU C 85 46.68 3.70 -8.71
N ILE C 86 45.46 3.47 -8.25
CA ILE C 86 44.34 3.21 -9.15
C ILE C 86 43.93 4.50 -9.87
N LYS C 87 43.87 5.60 -9.14
CA LYS C 87 43.54 6.92 -9.68
C LYS C 87 44.47 7.28 -10.85
N GLN C 88 45.73 6.80 -10.81
CA GLN C 88 46.72 7.12 -11.84
C GLN C 88 46.63 6.17 -13.02
N ALA C 89 46.14 4.95 -12.81
CA ALA C 89 46.10 3.95 -13.87
C ALA C 89 45.02 4.25 -14.91
N VAL C 90 44.03 5.11 -14.62
CA VAL C 90 42.82 5.20 -15.42
C VAL C 90 42.39 6.65 -15.52
N THR C 91 41.46 6.92 -16.46
CA THR C 91 40.98 8.28 -16.74
C THR C 91 39.48 8.37 -16.45
N ILE C 92 38.83 7.22 -16.22
CA ILE C 92 37.44 7.20 -15.75
C ILE C 92 37.41 7.55 -14.27
N PRO C 93 36.26 8.03 -13.74
CA PRO C 93 36.14 8.37 -12.32
C PRO C 93 36.46 7.20 -11.40
N VAL C 94 36.98 7.52 -10.21
CA VAL C 94 37.31 6.53 -9.20
C VAL C 94 36.51 6.83 -7.93
N MET C 95 35.90 5.78 -7.37
CA MET C 95 35.10 5.83 -6.16
C MET C 95 35.82 5.04 -5.07
N ALA C 96 35.50 5.32 -3.79
CA ALA C 96 36.00 4.52 -2.68
C ALA C 96 34.99 4.55 -1.53
N LYS C 97 35.12 3.55 -0.65
CA LYS C 97 34.19 3.30 0.44
C LYS C 97 34.70 3.95 1.73
N ALA C 98 33.77 4.59 2.46
CA ALA C 98 33.97 4.99 3.86
C ALA C 98 32.94 4.30 4.75
N ARG C 99 33.33 4.04 6.01
CA ARG C 99 32.43 3.43 6.96
C ARG C 99 31.31 4.43 7.28
N ILE C 100 30.11 3.89 7.55
CA ILE C 100 28.95 4.71 7.86
C ILE C 100 29.22 5.50 9.13
N GLY C 101 29.03 6.82 9.04
CA GLY C 101 29.24 7.69 10.19
C GLY C 101 30.69 8.15 10.37
N HIS C 102 31.65 7.60 9.61
CA HIS C 102 33.05 7.94 9.79
C HIS C 102 33.40 9.13 8.89
N PHE C 103 33.12 10.34 9.36
CA PHE C 103 33.28 11.52 8.54
C PHE C 103 34.75 11.88 8.37
N VAL C 104 35.65 11.35 9.20
CA VAL C 104 37.07 11.66 8.99
C VAL C 104 37.64 10.75 7.91
N GLU C 105 37.22 9.48 7.81
CA GLU C 105 37.60 8.67 6.67
C GLU C 105 37.20 9.41 5.37
N ALA C 106 36.04 10.05 5.36
CA ALA C 106 35.57 10.75 4.17
C ALA C 106 36.44 11.97 3.87
N GLN C 107 36.86 12.70 4.91
CA GLN C 107 37.70 13.87 4.75
C GLN C 107 39.02 13.46 4.08
N ILE C 108 39.53 12.29 4.46
CA ILE C 108 40.76 11.82 3.90
C ILE C 108 40.55 11.48 2.42
N LEU C 109 39.44 10.80 2.11
CA LEU C 109 39.15 10.41 0.74
C LEU C 109 38.98 11.64 -0.14
N GLU C 110 38.31 12.69 0.37
CA GLU C 110 38.20 13.95 -0.34
C GLU C 110 39.58 14.55 -0.63
N ALA C 111 40.48 14.54 0.36
CA ALA C 111 41.78 15.21 0.23
C ALA C 111 42.70 14.49 -0.76
N ILE C 112 42.55 13.18 -0.90
CA ILE C 112 43.26 12.40 -1.92
C ILE C 112 42.84 12.85 -3.33
N GLY C 113 41.64 13.40 -3.50
CA GLY C 113 41.13 13.82 -4.80
C GLY C 113 40.48 12.71 -5.63
N ILE C 114 39.72 11.79 -5.01
CA ILE C 114 38.84 10.91 -5.78
C ILE C 114 37.55 11.65 -6.12
N ASP C 115 36.66 10.94 -6.83
CA ASP C 115 35.55 11.57 -7.53
C ASP C 115 34.23 11.33 -6.81
N TYR C 116 34.09 10.15 -6.17
CA TYR C 116 32.85 9.80 -5.47
C TYR C 116 33.22 9.01 -4.21
N ILE C 117 32.50 9.26 -3.11
CA ILE C 117 32.60 8.44 -1.90
C ILE C 117 31.32 7.63 -1.72
N ASP C 118 31.49 6.33 -1.44
CA ASP C 118 30.39 5.43 -1.10
C ASP C 118 30.36 5.19 0.41
N GLU C 119 29.35 5.77 1.08
CA GLU C 119 29.11 5.51 2.49
C GLU C 119 28.45 4.15 2.62
N SER C 120 29.24 3.12 2.96
CA SER C 120 28.92 1.75 2.61
C SER C 120 28.66 0.86 3.83
N GLU C 121 27.50 0.18 3.80
CA GLU C 121 27.11 -0.77 4.81
C GLU C 121 27.89 -2.09 4.68
N VAL C 122 28.68 -2.24 3.61
CA VAL C 122 29.50 -3.42 3.44
C VAL C 122 30.74 -3.34 4.33
N LEU C 123 31.21 -2.12 4.63
CA LEU C 123 32.25 -1.93 5.63
C LEU C 123 31.60 -1.96 7.03
N THR C 124 32.44 -2.12 8.07
CA THR C 124 31.98 -2.13 9.45
C THR C 124 31.46 -0.74 9.85
N LEU C 125 30.27 -0.73 10.45
CA LEU C 125 29.62 0.49 10.91
C LEU C 125 30.50 1.20 11.94
N ALA C 126 30.54 2.54 11.91
CA ALA C 126 31.28 3.33 12.88
C ALA C 126 30.35 4.09 13.83
N ASP C 127 29.15 4.45 13.34
CA ASP C 127 28.17 5.16 14.15
C ASP C 127 26.83 4.48 13.96
N GLU C 128 26.28 3.96 15.05
CA GLU C 128 25.06 3.17 14.98
C GLU C 128 23.85 4.08 14.76
N ASP C 129 23.94 5.36 15.10
CA ASP C 129 22.77 6.22 15.10
C ASP C 129 22.77 7.32 14.03
N HIS C 130 23.94 7.67 13.48
CA HIS C 130 24.08 8.82 12.59
C HIS C 130 24.89 8.45 11.35
N HIS C 131 24.41 8.88 10.18
CA HIS C 131 25.19 8.85 8.95
C HIS C 131 26.03 10.14 8.87
N ILE C 132 26.97 10.15 7.93
CA ILE C 132 27.76 11.33 7.64
C ILE C 132 26.82 12.44 7.14
N ASN C 133 27.06 13.65 7.62
CA ASN C 133 26.48 14.85 7.04
C ASN C 133 27.21 15.17 5.73
N LYS C 134 26.61 14.77 4.60
CA LYS C 134 27.30 14.72 3.32
C LYS C 134 27.31 16.09 2.65
N HIS C 135 26.48 17.01 3.14
CA HIS C 135 26.48 18.37 2.66
C HIS C 135 27.76 19.12 3.02
N ASN C 136 28.55 18.63 3.97
CA ASN C 136 29.77 19.33 4.39
C ASN C 136 30.95 19.00 3.49
N PHE C 137 30.73 18.43 2.31
CA PHE C 137 31.81 17.97 1.46
C PHE C 137 31.58 18.50 0.06
N ARG C 138 32.65 18.51 -0.74
CA ARG C 138 32.62 19.08 -2.06
C ARG C 138 32.30 17.98 -3.06
N ILE C 139 32.71 16.72 -2.78
CA ILE C 139 32.49 15.66 -3.76
C ILE C 139 31.21 14.89 -3.46
N PRO C 140 30.62 14.23 -4.47
CA PRO C 140 29.34 13.55 -4.30
C PRO C 140 29.46 12.21 -3.61
N PHE C 141 28.37 11.81 -2.93
CA PHE C 141 28.30 10.57 -2.17
C PHE C 141 27.27 9.63 -2.78
N VAL C 142 27.57 8.33 -2.70
CA VAL C 142 26.60 7.26 -2.88
C VAL C 142 26.15 6.73 -1.52
N CYS C 143 24.84 6.46 -1.39
CA CYS C 143 24.29 5.71 -0.27
C CYS C 143 23.40 4.56 -0.74
N GLY C 144 23.26 3.53 0.10
CA GLY C 144 22.36 2.41 -0.12
C GLY C 144 20.97 2.61 0.51
N CYS C 145 19.99 1.85 0.02
CA CYS C 145 18.64 1.91 0.54
C CYS C 145 17.93 0.57 0.30
N ARG C 146 16.90 0.28 1.10
CA ARG C 146 16.05 -0.90 0.92
C ARG C 146 14.64 -0.49 0.47
N ASN C 147 14.28 0.79 0.66
CA ASN C 147 12.91 1.28 0.40
C ASN C 147 12.95 2.80 0.20
N LEU C 148 11.80 3.38 -0.16
CA LEU C 148 11.72 4.77 -0.57
C LEU C 148 12.03 5.71 0.60
N GLY C 149 11.53 5.39 1.80
CA GLY C 149 11.78 6.21 2.96
C GLY C 149 13.26 6.35 3.26
N GLU C 150 13.98 5.24 3.17
CA GLU C 150 15.41 5.23 3.46
C GLU C 150 16.17 6.06 2.42
N ALA C 151 15.74 5.98 1.16
CA ALA C 151 16.38 6.69 0.08
C ALA C 151 16.25 8.20 0.26
N LEU C 152 15.05 8.64 0.64
CA LEU C 152 14.78 10.07 0.80
C LEU C 152 15.54 10.61 2.00
N ARG C 153 15.74 9.77 3.02
CA ARG C 153 16.50 10.19 4.20
C ARG C 153 17.96 10.40 3.82
N ARG C 154 18.52 9.47 3.03
CA ARG C 154 19.89 9.58 2.58
C ARG C 154 20.09 10.82 1.71
N ILE C 155 19.13 11.09 0.82
CA ILE C 155 19.20 12.26 -0.05
C ILE C 155 19.20 13.55 0.77
N ARG C 156 18.30 13.66 1.75
CA ARG C 156 18.23 14.88 2.55
C ARG C 156 19.54 15.12 3.30
N GLU C 157 20.24 14.04 3.65
CA GLU C 157 21.53 14.14 4.31
C GLU C 157 22.60 14.58 3.32
N GLY C 158 22.30 14.41 2.01
CA GLY C 158 23.13 14.96 0.94
C GLY C 158 23.72 13.93 -0.02
N ALA C 159 23.21 12.69 -0.04
CA ALA C 159 23.59 11.74 -1.07
C ALA C 159 23.15 12.25 -2.45
N ALA C 160 24.02 12.10 -3.45
CA ALA C 160 23.74 12.56 -4.80
C ALA C 160 23.35 11.41 -5.71
N MET C 161 23.42 10.19 -5.19
CA MET C 161 23.25 8.99 -5.97
C MET C 161 22.86 7.87 -5.01
N ILE C 162 21.91 7.01 -5.43
CA ILE C 162 21.37 5.96 -4.60
C ILE C 162 21.61 4.62 -5.28
N ARG C 163 21.90 3.60 -4.47
CA ARG C 163 21.91 2.23 -4.93
C ARG C 163 21.09 1.36 -3.98
N THR C 164 20.68 0.18 -4.46
CA THR C 164 20.09 -0.82 -3.58
C THR C 164 21.17 -1.39 -2.67
N LYS C 165 20.77 -1.81 -1.47
CA LYS C 165 21.70 -2.49 -0.58
C LYS C 165 21.93 -3.89 -1.14
N GLY C 166 20.85 -4.49 -1.64
CA GLY C 166 20.86 -5.87 -2.09
C GLY C 166 21.38 -6.78 -0.98
N GLU C 167 22.26 -7.70 -1.37
CA GLU C 167 22.88 -8.63 -0.45
C GLU C 167 24.27 -8.89 -1.01
N ALA C 168 25.26 -8.26 -0.38
CA ALA C 168 26.62 -8.27 -0.90
C ALA C 168 27.25 -9.63 -0.60
N GLY C 169 27.95 -10.17 -1.61
CA GLY C 169 28.90 -11.26 -1.46
C GLY C 169 28.32 -12.63 -1.83
N THR C 170 27.04 -12.71 -2.25
CA THR C 170 26.36 -14.00 -2.36
C THR C 170 26.14 -14.41 -3.82
N GLY C 171 26.18 -13.44 -4.76
CA GLY C 171 25.78 -13.70 -6.14
C GLY C 171 24.27 -13.99 -6.30
N ASN C 172 23.48 -13.66 -5.27
CA ASN C 172 22.05 -13.89 -5.29
C ASN C 172 21.31 -12.55 -5.44
N ILE C 173 20.44 -12.49 -6.45
CA ILE C 173 19.88 -11.25 -6.95
C ILE C 173 18.58 -10.89 -6.22
N ILE C 174 18.09 -11.80 -5.36
CA ILE C 174 16.73 -11.73 -4.81
C ILE C 174 16.53 -10.46 -3.97
N GLU C 175 17.52 -10.09 -3.13
CA GLU C 175 17.35 -8.93 -2.26
C GLU C 175 17.32 -7.66 -3.11
N ALA C 176 18.13 -7.63 -4.18
CA ALA C 176 18.19 -6.48 -5.07
C ALA C 176 16.87 -6.28 -5.78
N VAL C 177 16.23 -7.38 -6.20
CA VAL C 177 14.94 -7.30 -6.86
C VAL C 177 13.90 -6.75 -5.87
N ARG C 178 13.94 -7.23 -4.60
CA ARG C 178 12.98 -6.79 -3.60
C ARG C 178 13.07 -5.27 -3.44
N HIS C 179 14.30 -4.75 -3.39
CA HIS C 179 14.54 -3.35 -3.11
C HIS C 179 14.10 -2.44 -4.26
N VAL C 180 14.44 -2.84 -5.50
CA VAL C 180 14.05 -2.09 -6.68
C VAL C 180 12.52 -2.04 -6.77
N ARG C 181 11.87 -3.21 -6.61
CA ARG C 181 10.42 -3.29 -6.75
C ARG C 181 9.76 -2.42 -5.69
N SER C 182 10.33 -2.45 -4.48
CA SER C 182 9.82 -1.67 -3.36
C SER C 182 9.86 -0.16 -3.64
N VAL C 183 11.05 0.34 -4.00
CA VAL C 183 11.23 1.76 -4.28
C VAL C 183 10.33 2.18 -5.43
N ASN C 184 10.39 1.47 -6.56
CA ASN C 184 9.65 1.87 -7.75
C ASN C 184 8.16 1.79 -7.46
N GLY C 185 7.75 0.82 -6.66
CA GLY C 185 6.34 0.61 -6.41
C GLY C 185 5.74 1.76 -5.61
N ASP C 186 6.49 2.24 -4.63
CA ASP C 186 6.04 3.33 -3.78
C ASP C 186 6.00 4.64 -4.56
N ILE C 187 6.95 4.85 -5.47
CA ILE C 187 6.93 6.02 -6.32
C ILE C 187 5.66 6.03 -7.20
N ARG C 188 5.26 4.87 -7.72
CA ARG C 188 4.06 4.78 -8.55
C ARG C 188 2.82 5.08 -7.70
N VAL C 189 2.79 4.57 -6.47
CA VAL C 189 1.69 4.85 -5.57
C VAL C 189 1.60 6.36 -5.35
N LEU C 190 2.78 6.96 -5.13
CA LEU C 190 2.86 8.35 -4.70
C LEU C 190 2.40 9.26 -5.83
N ARG C 191 2.75 8.91 -7.08
CA ARG C 191 2.52 9.76 -8.23
C ARG C 191 1.04 10.12 -8.39
N ASN C 192 0.15 9.20 -8.04
CA ASN C 192 -1.27 9.27 -8.37
C ASN C 192 -2.14 9.59 -7.15
N MET C 193 -1.49 9.76 -5.99
CA MET C 193 -2.13 9.83 -4.68
C MET C 193 -2.81 11.19 -4.49
N ASP C 194 -3.99 11.18 -3.86
CA ASP C 194 -4.67 12.37 -3.38
C ASP C 194 -3.69 13.24 -2.58
N ASP C 195 -3.53 14.52 -2.96
CA ASP C 195 -2.54 15.39 -2.33
C ASP C 195 -2.76 15.50 -0.82
N ASP C 196 -4.02 15.48 -0.41
CA ASP C 196 -4.39 15.61 0.99
C ASP C 196 -3.88 14.43 1.82
N GLU C 197 -3.59 13.30 1.19
CA GLU C 197 -3.16 12.10 1.89
C GLU C 197 -1.63 12.01 1.98
N VAL C 198 -0.90 12.94 1.37
CA VAL C 198 0.56 12.82 1.32
C VAL C 198 1.19 13.12 2.68
N PHE C 199 0.53 13.91 3.52
CA PHE C 199 1.06 14.25 4.84
C PHE C 199 1.23 12.97 5.65
N THR C 200 0.16 12.17 5.71
CA THR C 200 0.19 10.92 6.47
C THR C 200 1.20 9.94 5.86
N PHE C 201 1.31 9.92 4.52
CA PHE C 201 2.23 9.02 3.84
C PHE C 201 3.66 9.36 4.22
N ALA C 202 3.99 10.66 4.29
CA ALA C 202 5.34 11.10 4.68
C ALA C 202 5.65 10.66 6.11
N LYS C 203 4.65 10.78 6.99
CA LYS C 203 4.83 10.36 8.38
C LYS C 203 5.16 8.88 8.45
N LYS C 204 4.46 8.05 7.69
CA LYS C 204 4.61 6.59 7.75
C LYS C 204 5.94 6.15 7.18
N LEU C 205 6.47 6.89 6.19
CA LEU C 205 7.78 6.62 5.64
C LEU C 205 8.89 7.18 6.52
N ALA C 206 8.54 8.08 7.44
CA ALA C 206 9.53 8.81 8.23
C ALA C 206 10.52 9.54 7.31
N ALA C 207 9.96 10.25 6.33
CA ALA C 207 10.77 10.94 5.34
C ALA C 207 10.35 12.41 5.29
N PRO C 208 11.24 13.31 4.86
CA PRO C 208 10.91 14.73 4.80
C PRO C 208 9.82 14.98 3.77
N TYR C 209 8.76 15.69 4.19
CA TYR C 209 7.61 15.92 3.35
C TYR C 209 8.00 16.58 2.02
N ASP C 210 8.94 17.53 2.09
CA ASP C 210 9.23 18.38 0.96
C ASP C 210 9.88 17.54 -0.14
N LEU C 211 10.73 16.57 0.22
CA LEU C 211 11.33 15.64 -0.73
C LEU C 211 10.30 14.63 -1.26
N VAL C 212 9.30 14.27 -0.42
CA VAL C 212 8.23 13.39 -0.86
C VAL C 212 7.46 14.11 -1.97
N MET C 213 7.07 15.37 -1.76
CA MET C 213 6.26 16.11 -2.73
C MET C 213 7.02 16.33 -4.03
N GLN C 214 8.33 16.53 -3.93
CA GLN C 214 9.18 16.69 -5.11
C GLN C 214 9.27 15.38 -5.90
N THR C 215 9.33 14.25 -5.19
CA THR C 215 9.37 12.95 -5.83
C THR C 215 8.05 12.70 -6.55
N LYS C 216 6.96 13.26 -6.00
CA LYS C 216 5.64 13.12 -6.60
C LYS C 216 5.56 13.87 -7.92
N GLN C 217 6.13 15.08 -7.98
CA GLN C 217 6.07 15.88 -9.19
C GLN C 217 6.96 15.30 -10.27
N LEU C 218 8.21 14.95 -9.95
CA LEU C 218 9.08 14.30 -10.93
C LEU C 218 8.52 12.97 -11.45
N GLY C 219 7.81 12.22 -10.60
CA GLY C 219 7.40 10.86 -10.94
C GLY C 219 8.58 9.87 -10.94
N ARG C 220 9.71 10.26 -10.35
CA ARG C 220 10.85 9.37 -10.17
C ARG C 220 11.75 9.94 -9.07
N LEU C 221 12.78 9.19 -8.68
CA LEU C 221 13.70 9.62 -7.63
C LEU C 221 14.48 10.85 -8.12
N PRO C 222 14.64 11.90 -7.29
CA PRO C 222 15.41 13.09 -7.69
C PRO C 222 16.90 12.89 -7.99
N VAL C 223 17.42 11.67 -7.81
CA VAL C 223 18.82 11.38 -8.08
C VAL C 223 18.89 10.08 -8.88
N VAL C 224 20.06 9.74 -9.41
CA VAL C 224 20.23 8.50 -10.16
C VAL C 224 20.08 7.32 -9.18
N GLN C 225 19.49 6.22 -9.68
CA GLN C 225 19.24 5.03 -8.90
C GLN C 225 19.88 3.81 -9.57
N PHE C 226 20.92 3.26 -8.94
CA PHE C 226 21.61 2.10 -9.47
C PHE C 226 21.26 0.84 -8.69
N ALA C 227 21.48 -0.31 -9.31
CA ALA C 227 21.27 -1.59 -8.65
C ALA C 227 22.62 -2.12 -8.20
N ALA C 228 22.62 -2.83 -7.08
CA ALA C 228 23.85 -3.32 -6.47
C ALA C 228 23.52 -4.48 -5.54
N GLY C 229 24.45 -5.43 -5.45
CA GLY C 229 24.31 -6.53 -4.52
C GLY C 229 23.72 -7.77 -5.22
N GLY C 230 24.62 -8.60 -5.74
CA GLY C 230 24.27 -9.94 -6.18
C GLY C 230 24.19 -10.07 -7.69
N VAL C 231 24.50 -8.99 -8.43
CA VAL C 231 24.54 -9.06 -9.88
C VAL C 231 25.74 -9.89 -10.30
N ALA C 232 25.48 -11.04 -10.93
CA ALA C 232 26.49 -12.06 -11.21
C ALA C 232 26.56 -12.39 -12.71
N THR C 233 25.47 -12.24 -13.47
CA THR C 233 25.44 -12.66 -14.85
C THR C 233 24.91 -11.53 -15.73
N PRO C 234 25.15 -11.60 -17.06
CA PRO C 234 24.54 -10.65 -17.99
C PRO C 234 23.02 -10.54 -17.84
N ALA C 235 22.38 -11.67 -17.57
CA ALA C 235 20.93 -11.70 -17.42
C ALA C 235 20.50 -10.91 -16.18
N ASP C 236 21.23 -11.08 -15.07
CA ASP C 236 21.01 -10.29 -13.86
C ASP C 236 21.06 -8.81 -14.18
N ALA C 237 22.14 -8.38 -14.87
CA ALA C 237 22.34 -6.96 -15.14
C ALA C 237 21.21 -6.41 -16.01
N ALA C 238 20.79 -7.19 -17.00
CA ALA C 238 19.75 -6.75 -17.93
C ALA C 238 18.39 -6.63 -17.22
N LEU C 239 18.14 -7.57 -16.31
CA LEU C 239 16.90 -7.60 -15.52
C LEU C 239 16.76 -6.29 -14.72
N MET C 240 17.85 -5.88 -14.07
CA MET C 240 17.86 -4.66 -13.29
C MET C 240 17.51 -3.45 -14.17
N MET C 241 18.05 -3.42 -15.40
CA MET C 241 17.77 -2.33 -16.32
C MET C 241 16.31 -2.37 -16.79
N GLN C 242 15.79 -3.57 -17.04
CA GLN C 242 14.40 -3.74 -17.46
C GLN C 242 13.43 -3.38 -16.34
N LEU C 243 13.86 -3.50 -15.07
CA LEU C 243 13.04 -3.12 -13.93
C LEU C 243 13.08 -1.62 -13.68
N GLY C 244 13.96 -0.86 -14.35
CA GLY C 244 13.92 0.59 -14.35
C GLY C 244 15.13 1.25 -13.66
N CYS C 245 16.19 0.51 -13.35
CA CYS C 245 17.38 1.14 -12.80
C CYS C 245 18.10 1.96 -13.87
N ASP C 246 18.99 2.85 -13.41
CA ASP C 246 19.77 3.72 -14.27
C ASP C 246 21.17 3.16 -14.56
N GLY C 247 21.53 2.03 -13.95
CA GLY C 247 22.88 1.47 -14.07
C GLY C 247 23.10 0.40 -13.00
N VAL C 248 24.30 -0.20 -12.96
CA VAL C 248 24.53 -1.29 -12.03
C VAL C 248 25.96 -1.27 -11.50
N PHE C 249 26.12 -1.75 -10.25
CA PHE C 249 27.43 -2.02 -9.65
C PHE C 249 27.67 -3.52 -9.73
N VAL C 250 28.93 -3.92 -9.90
CA VAL C 250 29.33 -5.31 -9.99
C VAL C 250 30.62 -5.51 -9.19
N GLY C 251 30.71 -6.63 -8.47
CA GLY C 251 31.83 -6.92 -7.58
C GLY C 251 32.98 -7.60 -8.31
N SER C 252 33.99 -8.06 -7.55
CA SER C 252 35.26 -8.51 -8.13
C SER C 252 35.22 -9.98 -8.56
N GLY C 253 34.04 -10.62 -8.43
CA GLY C 253 33.82 -11.97 -8.95
C GLY C 253 34.21 -12.09 -10.43
N ILE C 254 33.99 -11.00 -11.17
CA ILE C 254 34.39 -10.84 -12.56
C ILE C 254 35.85 -11.26 -12.80
N PHE C 255 36.72 -11.04 -11.79
CA PHE C 255 38.16 -11.20 -11.99
C PHE C 255 38.63 -12.56 -11.46
N LYS C 256 37.70 -13.40 -10.97
CA LYS C 256 38.04 -14.72 -10.44
C LYS C 256 37.87 -15.79 -11.51
N SER C 257 37.43 -15.41 -12.72
CA SER C 257 37.17 -16.37 -13.78
C SER C 257 38.22 -16.22 -14.87
N GLY C 258 38.12 -17.08 -15.89
CA GLY C 258 38.98 -17.01 -17.06
C GLY C 258 38.61 -15.82 -17.94
N ASP C 259 39.58 -15.36 -18.74
CA ASP C 259 39.45 -14.19 -19.61
C ASP C 259 38.51 -13.17 -18.96
N PRO C 260 38.96 -12.44 -17.92
CA PRO C 260 38.08 -11.55 -17.17
C PRO C 260 37.74 -10.30 -17.99
N ALA C 261 38.55 -10.02 -19.02
CA ALA C 261 38.23 -9.03 -20.05
C ALA C 261 36.95 -9.41 -20.80
N ARG C 262 36.68 -10.70 -20.92
CA ARG C 262 35.52 -11.17 -21.66
C ARG C 262 34.27 -11.03 -20.78
N ARG C 263 34.40 -11.41 -19.50
CA ARG C 263 33.28 -11.38 -18.59
C ARG C 263 32.88 -9.93 -18.27
N ALA C 264 33.88 -9.05 -18.17
CA ALA C 264 33.66 -7.63 -17.95
C ALA C 264 32.92 -7.00 -19.12
N ARG C 265 33.41 -7.25 -20.32
CA ARG C 265 32.83 -6.73 -21.55
C ARG C 265 31.39 -7.18 -21.69
N ALA C 266 31.12 -8.45 -21.30
CA ALA C 266 29.82 -9.07 -21.44
C ALA C 266 28.76 -8.31 -20.66
N ILE C 267 29.13 -7.91 -19.43
CA ILE C 267 28.21 -7.22 -18.56
C ILE C 267 27.96 -5.80 -19.07
N VAL C 268 29.00 -5.16 -19.61
CA VAL C 268 28.83 -3.83 -20.20
C VAL C 268 27.87 -3.93 -21.39
N GLN C 269 28.11 -4.92 -22.24
CA GLN C 269 27.30 -5.14 -23.43
C GLN C 269 25.84 -5.37 -23.03
N ALA C 270 25.62 -6.15 -21.96
CA ALA C 270 24.29 -6.49 -21.47
C ALA C 270 23.53 -5.25 -21.01
N VAL C 271 24.19 -4.36 -20.27
CA VAL C 271 23.56 -3.15 -19.79
C VAL C 271 23.27 -2.19 -20.95
N THR C 272 24.14 -2.19 -21.96
CA THR C 272 23.99 -1.31 -23.11
C THR C 272 22.84 -1.81 -24.00
N HIS C 273 22.74 -3.14 -24.20
CA HIS C 273 21.75 -3.74 -25.10
C HIS C 273 20.75 -4.57 -24.30
N TYR C 274 20.22 -3.98 -23.23
CA TYR C 274 19.50 -4.73 -22.20
C TYR C 274 18.16 -5.24 -22.70
N SER C 275 17.64 -4.69 -23.80
CA SER C 275 16.34 -5.16 -24.30
C SER C 275 16.49 -5.89 -25.62
N ASP C 276 17.68 -6.43 -25.90
CA ASP C 276 17.94 -7.23 -27.10
C ASP C 276 18.33 -8.65 -26.70
N PRO C 277 17.37 -9.61 -26.72
CA PRO C 277 17.67 -11.00 -26.33
C PRO C 277 18.78 -11.64 -27.15
N GLU C 278 18.87 -11.28 -28.43
CA GLU C 278 19.83 -11.88 -29.35
C GLU C 278 21.24 -11.53 -28.90
N MET C 279 21.43 -10.26 -28.54
CA MET C 279 22.67 -9.79 -27.97
C MET C 279 22.97 -10.54 -26.68
N LEU C 280 21.96 -10.70 -25.81
CA LEU C 280 22.17 -11.31 -24.50
C LEU C 280 22.58 -12.77 -24.63
N VAL C 281 22.07 -13.46 -25.66
CA VAL C 281 22.48 -14.84 -25.92
C VAL C 281 23.98 -14.88 -26.23
N GLU C 282 24.42 -13.94 -27.10
CA GLU C 282 25.77 -13.95 -27.60
C GLU C 282 26.78 -13.75 -26.47
N VAL C 283 26.51 -12.79 -25.57
CA VAL C 283 27.46 -12.43 -24.53
C VAL C 283 27.44 -13.46 -23.40
N SER C 284 26.30 -14.18 -23.23
CA SER C 284 26.14 -15.16 -22.16
C SER C 284 26.77 -16.51 -22.53
N CYS C 285 27.05 -16.71 -23.82
CA CYS C 285 27.44 -18.01 -24.37
C CYS C 285 28.87 -18.33 -23.97
N GLY C 286 29.04 -19.50 -23.34
CA GLY C 286 30.35 -20.04 -23.02
C GLY C 286 31.09 -19.20 -21.98
N LEU C 287 30.39 -18.62 -21.02
CA LEU C 287 30.99 -17.70 -20.08
C LEU C 287 31.54 -18.47 -18.88
N GLY C 288 31.05 -19.71 -18.70
CA GLY C 288 31.38 -20.55 -17.55
C GLY C 288 30.17 -20.75 -16.67
N SER D 21 -6.96 -18.20 -29.75
CA SER D 21 -5.92 -17.44 -29.00
C SER D 21 -4.57 -18.15 -29.13
N PRO D 22 -3.42 -17.47 -28.92
CA PRO D 22 -2.14 -18.17 -28.83
C PRO D 22 -1.97 -18.98 -27.54
N PHE D 23 -2.81 -18.74 -26.52
CA PHE D 23 -2.77 -19.54 -25.29
C PHE D 23 -3.16 -20.99 -25.60
N SER D 24 -4.30 -21.18 -26.26
CA SER D 24 -4.77 -22.52 -26.58
C SER D 24 -3.82 -23.23 -27.55
N VAL D 25 -3.04 -22.47 -28.32
CA VAL D 25 -2.01 -23.11 -29.14
C VAL D 25 -0.92 -23.75 -28.28
N LYS D 26 -0.49 -23.02 -27.23
CA LYS D 26 0.52 -23.49 -26.30
C LYS D 26 -0.01 -24.67 -25.50
N VAL D 27 -1.28 -24.60 -25.09
CA VAL D 27 -1.88 -25.72 -24.37
C VAL D 27 -1.83 -26.97 -25.27
N GLY D 28 -2.22 -26.80 -26.55
CA GLY D 28 -2.15 -27.86 -27.56
C GLY D 28 -0.75 -28.46 -27.71
N LEU D 29 0.29 -27.63 -27.74
CA LEU D 29 1.64 -28.14 -27.87
C LEU D 29 1.95 -29.10 -26.73
N ALA D 30 1.61 -28.71 -25.49
CA ALA D 30 1.94 -29.49 -24.31
C ALA D 30 1.19 -30.83 -24.28
N GLN D 31 0.01 -30.89 -24.92
CA GLN D 31 -0.78 -32.12 -24.99
C GLN D 31 -0.08 -33.22 -25.78
N MET D 32 0.86 -32.88 -26.66
CA MET D 32 1.51 -33.91 -27.46
C MET D 32 2.43 -34.75 -26.60
N LEU D 33 2.68 -34.31 -25.36
CA LEU D 33 3.57 -35.00 -24.43
C LEU D 33 2.80 -36.01 -23.59
N ARG D 34 1.47 -36.01 -23.69
CA ARG D 34 0.64 -36.93 -22.92
C ARG D 34 1.18 -38.35 -23.06
N GLY D 35 1.29 -39.07 -21.95
CA GLY D 35 1.71 -40.46 -21.96
C GLY D 35 3.22 -40.64 -21.96
N GLY D 36 3.98 -39.56 -21.79
CA GLY D 36 5.42 -39.64 -21.97
C GLY D 36 6.23 -39.47 -20.68
N VAL D 37 7.54 -39.70 -20.82
CA VAL D 37 8.52 -39.49 -19.78
C VAL D 37 9.52 -38.44 -20.22
N ILE D 38 9.89 -37.55 -19.29
CA ILE D 38 10.83 -36.47 -19.54
C ILE D 38 12.02 -36.66 -18.62
N MET D 39 13.23 -36.63 -19.18
CA MET D 39 14.41 -36.98 -18.44
C MET D 39 15.35 -35.79 -18.36
N ASP D 40 15.94 -35.60 -17.17
CA ASP D 40 16.97 -34.59 -16.97
C ASP D 40 18.30 -35.13 -17.51
N VAL D 41 19.03 -34.28 -18.24
CA VAL D 41 20.31 -34.66 -18.83
C VAL D 41 21.32 -33.54 -18.65
N VAL D 42 22.60 -33.92 -18.51
CA VAL D 42 23.68 -32.97 -18.28
C VAL D 42 24.66 -32.91 -19.45
N ASN D 43 24.43 -33.71 -20.51
CA ASN D 43 25.32 -33.71 -21.67
C ASN D 43 24.61 -34.38 -22.84
N ALA D 44 25.27 -34.38 -24.00
CA ALA D 44 24.67 -34.86 -25.23
C ALA D 44 24.56 -36.39 -25.25
N GLU D 45 25.47 -37.05 -24.52
CA GLU D 45 25.49 -38.49 -24.45
C GLU D 45 24.22 -38.96 -23.73
N GLN D 46 24.01 -38.41 -22.53
CA GLN D 46 22.82 -38.66 -21.75
C GLN D 46 21.57 -38.38 -22.58
N ALA D 47 21.60 -37.27 -23.33
CA ALA D 47 20.46 -36.88 -24.15
C ALA D 47 20.15 -37.96 -25.17
N ARG D 48 21.20 -38.63 -25.68
CA ARG D 48 21.01 -39.60 -26.76
C ARG D 48 20.46 -40.90 -26.16
N ILE D 49 20.95 -41.28 -24.98
CA ILE D 49 20.45 -42.49 -24.33
C ILE D 49 18.95 -42.33 -24.06
N ALA D 50 18.60 -41.14 -23.55
CA ALA D 50 17.22 -40.77 -23.27
C ALA D 50 16.33 -40.89 -24.50
N GLU D 51 16.80 -40.37 -25.64
CA GLU D 51 16.01 -40.38 -26.87
C GLU D 51 15.81 -41.80 -27.36
N GLU D 52 16.89 -42.59 -27.28
CA GLU D 52 16.91 -43.98 -27.73
C GLU D 52 15.97 -44.81 -26.86
N ALA D 53 15.95 -44.53 -25.55
CA ALA D 53 15.09 -45.23 -24.61
C ALA D 53 13.61 -44.90 -24.80
N GLY D 54 13.29 -43.77 -25.47
CA GLY D 54 11.92 -43.46 -25.84
C GLY D 54 11.32 -42.32 -25.01
N ALA D 55 12.19 -41.47 -24.44
CA ALA D 55 11.75 -40.27 -23.75
C ALA D 55 11.03 -39.35 -24.73
N CYS D 56 9.97 -38.67 -24.28
CA CYS D 56 9.22 -37.78 -25.15
C CYS D 56 9.87 -36.39 -25.22
N ALA D 57 10.79 -36.09 -24.28
CA ALA D 57 11.54 -34.85 -24.27
C ALA D 57 12.69 -34.94 -23.28
N VAL D 58 13.64 -34.00 -23.34
CA VAL D 58 14.69 -33.91 -22.34
C VAL D 58 14.73 -32.51 -21.72
N MET D 59 15.28 -32.45 -20.51
CA MET D 59 15.43 -31.24 -19.72
C MET D 59 16.93 -31.00 -19.52
N ALA D 60 17.43 -29.89 -20.10
CA ALA D 60 18.84 -29.57 -20.07
C ALA D 60 19.23 -28.86 -18.76
N LEU D 61 20.39 -29.27 -18.26
CA LEU D 61 20.85 -28.97 -16.92
C LEU D 61 22.36 -29.11 -16.88
N GLU D 62 23.11 -28.01 -16.67
CA GLU D 62 24.56 -28.09 -16.72
C GLU D 62 25.08 -28.78 -15.45
N ARG D 63 24.41 -28.56 -14.32
CA ARG D 63 24.68 -29.29 -13.09
C ARG D 63 23.34 -29.52 -12.41
N VAL D 64 23.22 -30.61 -11.64
CA VAL D 64 22.00 -30.86 -10.88
C VAL D 64 21.97 -29.82 -9.76
N PRO D 65 20.87 -29.04 -9.60
CA PRO D 65 20.76 -28.04 -8.53
C PRO D 65 20.82 -28.58 -7.10
N ALA D 66 20.48 -29.86 -6.94
CA ALA D 66 20.67 -30.59 -5.69
C ALA D 66 22.07 -30.33 -5.15
N ASP D 67 23.08 -30.41 -6.03
CA ASP D 67 24.48 -30.55 -5.67
C ASP D 67 25.20 -29.19 -5.60
N ILE D 68 24.62 -28.15 -6.24
CA ILE D 68 25.09 -26.78 -6.15
C ILE D 68 24.64 -26.16 -4.83
N ARG D 69 23.39 -26.46 -4.42
CA ARG D 69 22.87 -26.04 -3.13
C ARG D 69 23.50 -26.86 -2.01
N ALA D 70 23.76 -28.16 -2.26
CA ALA D 70 24.48 -28.99 -1.31
C ALA D 70 25.73 -28.23 -0.86
N GLN D 71 26.41 -27.59 -1.82
CA GLN D 71 27.60 -26.79 -1.55
C GLN D 71 27.26 -25.35 -1.16
N GLY D 72 25.96 -25.02 -1.11
CA GLY D 72 25.46 -23.75 -0.60
C GLY D 72 25.47 -22.64 -1.67
N GLY D 73 25.46 -23.04 -2.95
CA GLY D 73 25.65 -22.10 -4.05
C GLY D 73 24.31 -21.66 -4.64
N VAL D 74 24.37 -20.67 -5.55
CA VAL D 74 23.19 -20.20 -6.25
C VAL D 74 23.05 -21.02 -7.53
N ALA D 75 21.83 -21.44 -7.86
CA ALA D 75 21.57 -22.26 -9.03
C ALA D 75 20.75 -21.44 -10.02
N ARG D 76 21.30 -21.28 -11.24
CA ARG D 76 20.77 -20.36 -12.23
C ARG D 76 20.50 -21.08 -13.55
N MET D 77 20.10 -20.31 -14.55
CA MET D 77 20.03 -20.78 -15.93
C MET D 77 21.33 -21.50 -16.29
N SER D 78 21.24 -22.53 -17.12
CA SER D 78 22.42 -23.19 -17.66
C SER D 78 23.04 -22.33 -18.76
N ASP D 79 24.36 -22.54 -18.96
CA ASP D 79 25.11 -21.90 -20.02
C ASP D 79 24.44 -22.20 -21.36
N PRO D 80 24.10 -21.17 -22.18
CA PRO D 80 23.44 -21.41 -23.47
C PRO D 80 24.22 -22.33 -24.39
N GLN D 81 25.53 -22.41 -24.19
CA GLN D 81 26.37 -23.22 -25.05
C GLN D 81 25.99 -24.69 -24.88
N MET D 82 25.86 -25.16 -23.63
CA MET D 82 25.64 -26.58 -23.41
C MET D 82 24.20 -26.91 -23.80
N ILE D 83 23.28 -25.94 -23.69
CA ILE D 83 21.92 -26.14 -24.17
C ILE D 83 21.92 -26.35 -25.68
N LYS D 84 22.72 -25.55 -26.41
CA LYS D 84 22.80 -25.67 -27.86
C LYS D 84 23.34 -27.04 -28.25
N GLU D 85 24.34 -27.56 -27.50
CA GLU D 85 24.90 -28.87 -27.78
C GLU D 85 23.83 -29.97 -27.68
N ILE D 86 22.95 -29.87 -26.67
CA ILE D 86 21.92 -30.87 -26.46
C ILE D 86 20.84 -30.75 -27.54
N LYS D 87 20.44 -29.52 -27.88
CA LYS D 87 19.45 -29.26 -28.91
C LYS D 87 19.87 -29.91 -30.25
N GLN D 88 21.18 -30.01 -30.50
CA GLN D 88 21.70 -30.56 -31.75
C GLN D 88 21.83 -32.07 -31.70
N ALA D 89 22.01 -32.65 -30.51
CA ALA D 89 22.23 -34.06 -30.37
C ALA D 89 20.96 -34.89 -30.59
N VAL D 90 19.77 -34.27 -30.57
CA VAL D 90 18.52 -35.02 -30.50
C VAL D 90 17.48 -34.34 -31.37
N THR D 91 16.37 -35.06 -31.60
CA THR D 91 15.27 -34.59 -32.44
C THR D 91 13.99 -34.46 -31.62
N ILE D 92 14.01 -34.96 -30.37
CA ILE D 92 12.90 -34.76 -29.45
C ILE D 92 12.96 -33.34 -28.89
N PRO D 93 11.83 -32.78 -28.39
CA PRO D 93 11.80 -31.44 -27.81
C PRO D 93 12.76 -31.30 -26.63
N VAL D 94 13.28 -30.08 -26.45
CA VAL D 94 14.23 -29.77 -25.38
C VAL D 94 13.64 -28.67 -24.49
N MET D 95 13.73 -28.89 -23.17
CA MET D 95 13.25 -27.96 -22.15
C MET D 95 14.46 -27.45 -21.38
N ALA D 96 14.30 -26.30 -20.71
CA ALA D 96 15.31 -25.79 -19.79
C ALA D 96 14.65 -24.95 -18.69
N LYS D 97 15.41 -24.79 -17.60
CA LYS D 97 14.91 -24.18 -16.38
C LYS D 97 15.31 -22.69 -16.34
N ALA D 98 14.35 -21.86 -15.92
CA ALA D 98 14.62 -20.48 -15.51
C ALA D 98 14.25 -20.30 -14.04
N ARG D 99 14.97 -19.40 -13.35
CA ARG D 99 14.66 -19.06 -11.97
C ARG D 99 13.30 -18.37 -11.91
N ILE D 100 12.55 -18.62 -10.82
CA ILE D 100 11.23 -18.03 -10.64
C ILE D 100 11.37 -16.52 -10.61
N GLY D 101 10.58 -15.84 -11.45
CA GLY D 101 10.59 -14.39 -11.51
C GLY D 101 11.65 -13.80 -12.44
N HIS D 102 12.57 -14.63 -12.96
CA HIS D 102 13.66 -14.11 -13.77
C HIS D 102 13.25 -14.11 -15.24
N PHE D 103 12.56 -13.04 -15.66
CA PHE D 103 11.98 -13.01 -16.97
C PHE D 103 13.04 -12.79 -18.04
N VAL D 104 14.23 -12.32 -17.68
CA VAL D 104 15.28 -12.16 -18.67
C VAL D 104 15.97 -13.50 -18.96
N GLU D 105 16.15 -14.35 -17.96
CA GLU D 105 16.60 -15.72 -18.21
C GLU D 105 15.68 -16.38 -19.23
N ALA D 106 14.37 -16.14 -19.12
CA ALA D 106 13.41 -16.75 -20.01
C ALA D 106 13.53 -16.19 -21.43
N GLN D 107 13.78 -14.88 -21.54
CA GLN D 107 13.94 -14.25 -22.86
C GLN D 107 15.12 -14.87 -23.58
N ILE D 108 16.18 -15.17 -22.83
CA ILE D 108 17.36 -15.75 -23.42
C ILE D 108 17.03 -17.16 -23.90
N LEU D 109 16.33 -17.94 -23.07
CA LEU D 109 15.98 -19.30 -23.43
C LEU D 109 15.10 -19.33 -24.68
N GLU D 110 14.14 -18.41 -24.78
CA GLU D 110 13.32 -18.30 -25.99
C GLU D 110 14.19 -18.00 -27.21
N ALA D 111 15.17 -17.10 -27.10
CA ALA D 111 15.96 -16.68 -28.24
C ALA D 111 16.89 -17.78 -28.75
N ILE D 112 17.36 -18.66 -27.85
CA ILE D 112 18.13 -19.85 -28.21
C ILE D 112 17.30 -20.80 -29.07
N GLY D 113 15.96 -20.76 -28.98
CA GLY D 113 15.09 -21.62 -29.76
C GLY D 113 14.85 -23.00 -29.15
N ILE D 114 14.72 -23.12 -27.82
CA ILE D 114 14.22 -24.36 -27.22
C ILE D 114 12.69 -24.35 -27.29
N ASP D 115 12.08 -25.43 -26.75
CA ASP D 115 10.70 -25.77 -27.02
C ASP D 115 9.80 -25.46 -25.83
N TYR D 116 10.33 -25.62 -24.60
CA TYR D 116 9.57 -25.38 -23.38
C TYR D 116 10.49 -24.79 -22.32
N ILE D 117 9.96 -23.87 -21.51
CA ILE D 117 10.68 -23.34 -20.35
C ILE D 117 10.00 -23.81 -19.07
N ASP D 118 10.81 -24.29 -18.11
CA ASP D 118 10.35 -24.66 -16.79
C ASP D 118 10.73 -23.57 -15.79
N GLU D 119 9.73 -22.82 -15.30
CA GLU D 119 9.93 -21.87 -14.23
C GLU D 119 10.01 -22.64 -12.92
N SER D 120 11.24 -22.85 -12.42
CA SER D 120 11.51 -23.97 -11.52
C SER D 120 11.94 -23.52 -10.12
N GLU D 121 11.24 -24.07 -9.12
CA GLU D 121 11.56 -23.87 -7.71
C GLU D 121 12.82 -24.64 -7.29
N VAL D 122 13.34 -25.49 -8.15
CA VAL D 122 14.55 -26.23 -7.83
C VAL D 122 15.78 -25.32 -8.01
N LEU D 123 15.68 -24.33 -8.91
CA LEU D 123 16.68 -23.27 -8.98
C LEU D 123 16.44 -22.24 -7.88
N THR D 124 17.45 -21.40 -7.61
CA THR D 124 17.34 -20.33 -6.63
C THR D 124 16.34 -19.27 -7.09
N LEU D 125 15.43 -18.91 -6.20
CA LEU D 125 14.41 -17.90 -6.44
C LEU D 125 15.05 -16.56 -6.77
N ALA D 126 14.44 -15.83 -7.72
CA ALA D 126 14.92 -14.51 -8.10
C ALA D 126 13.96 -13.40 -7.63
N ASP D 127 12.66 -13.72 -7.54
CA ASP D 127 11.66 -12.78 -7.09
C ASP D 127 10.78 -13.50 -6.09
N GLU D 128 10.76 -12.96 -4.86
CA GLU D 128 10.07 -13.59 -3.75
C GLU D 128 8.55 -13.41 -3.90
N ASP D 129 8.09 -12.38 -4.64
CA ASP D 129 6.68 -12.03 -4.64
C ASP D 129 5.95 -12.26 -5.98
N HIS D 130 6.71 -12.36 -7.10
CA HIS D 130 6.11 -12.39 -8.43
C HIS D 130 6.72 -13.51 -9.27
N HIS D 131 5.87 -14.25 -9.98
CA HIS D 131 6.30 -15.18 -11.01
C HIS D 131 6.41 -14.41 -12.32
N ILE D 132 7.04 -15.06 -13.31
CA ILE D 132 7.11 -14.52 -14.65
C ILE D 132 5.70 -14.40 -15.24
N ASN D 133 5.45 -13.27 -15.90
CA ASN D 133 4.29 -13.12 -16.76
C ASN D 133 4.51 -13.89 -18.05
N LYS D 134 3.95 -15.10 -18.11
CA LYS D 134 4.30 -16.09 -19.12
C LYS D 134 3.53 -15.84 -20.41
N HIS D 135 2.49 -14.99 -20.36
CA HIS D 135 1.77 -14.58 -21.55
C HIS D 135 2.62 -13.72 -22.49
N ASN D 136 3.73 -13.16 -22.03
CA ASN D 136 4.56 -12.31 -22.87
C ASN D 136 5.54 -13.12 -23.73
N PHE D 137 5.35 -14.43 -23.87
CA PHE D 137 6.32 -15.26 -24.57
C PHE D 137 5.60 -16.11 -25.59
N ARG D 138 6.35 -16.61 -26.56
CA ARG D 138 5.79 -17.36 -27.66
C ARG D 138 5.84 -18.85 -27.32
N ILE D 139 6.82 -19.30 -26.53
CA ILE D 139 6.91 -20.72 -26.21
C ILE D 139 6.22 -21.04 -24.89
N PRO D 140 5.80 -22.31 -24.69
CA PRO D 140 5.04 -22.69 -23.52
C PRO D 140 5.90 -22.88 -22.28
N PHE D 141 5.28 -22.68 -21.12
CA PHE D 141 5.93 -22.80 -19.82
C PHE D 141 5.34 -23.96 -19.03
N VAL D 142 6.22 -24.60 -18.24
CA VAL D 142 5.83 -25.48 -17.16
C VAL D 142 5.98 -24.74 -15.82
N CYS D 143 5.01 -24.93 -14.92
CA CYS D 143 5.12 -24.53 -13.53
C CYS D 143 4.74 -25.67 -12.60
N GLY D 144 5.24 -25.59 -11.35
CA GLY D 144 4.94 -26.53 -10.28
C GLY D 144 3.77 -26.08 -9.40
N CYS D 145 3.20 -27.03 -8.67
CA CYS D 145 2.11 -26.74 -7.76
C CYS D 145 2.06 -27.79 -6.65
N ARG D 146 1.45 -27.42 -5.51
CA ARG D 146 1.21 -28.33 -4.40
C ARG D 146 -0.29 -28.61 -4.23
N ASN D 147 -1.14 -27.77 -4.83
CA ASN D 147 -2.59 -27.82 -4.65
C ASN D 147 -3.29 -27.09 -5.79
N LEU D 148 -4.63 -27.17 -5.81
CA LEU D 148 -5.42 -26.68 -6.93
C LEU D 148 -5.32 -25.16 -7.07
N GLY D 149 -5.37 -24.44 -5.94
CA GLY D 149 -5.25 -22.98 -5.96
C GLY D 149 -3.96 -22.50 -6.64
N GLU D 150 -2.85 -23.13 -6.30
CA GLU D 150 -1.55 -22.76 -6.83
C GLU D 150 -1.51 -23.04 -8.33
N ALA D 151 -2.11 -24.14 -8.76
CA ALA D 151 -2.10 -24.56 -10.16
C ALA D 151 -2.87 -23.56 -11.01
N LEU D 152 -4.04 -23.13 -10.51
CA LEU D 152 -4.89 -22.21 -11.25
C LEU D 152 -4.22 -20.83 -11.33
N ARG D 153 -3.46 -20.45 -10.30
CA ARG D 153 -2.75 -19.19 -10.30
C ARG D 153 -1.66 -19.20 -11.37
N ARG D 154 -0.93 -20.32 -11.46
CA ARG D 154 0.12 -20.46 -12.45
C ARG D 154 -0.47 -20.44 -13.87
N ILE D 155 -1.60 -21.10 -14.07
CA ILE D 155 -2.26 -21.13 -15.37
C ILE D 155 -2.70 -19.72 -15.78
N ARG D 156 -3.32 -18.97 -14.87
CA ARG D 156 -3.76 -17.63 -15.23
C ARG D 156 -2.59 -16.73 -15.62
N GLU D 157 -1.42 -16.97 -15.04
CA GLU D 157 -0.21 -16.24 -15.38
C GLU D 157 0.31 -16.69 -16.74
N GLY D 158 -0.14 -17.87 -17.20
CA GLY D 158 0.08 -18.32 -18.57
C GLY D 158 0.85 -19.65 -18.70
N ALA D 159 0.99 -20.42 -17.63
CA ALA D 159 1.56 -21.75 -17.73
C ALA D 159 0.65 -22.64 -18.60
N ALA D 160 1.26 -23.45 -19.46
CA ALA D 160 0.53 -24.30 -20.39
C ALA D 160 0.54 -25.75 -19.93
N MET D 161 1.26 -26.02 -18.84
CA MET D 161 1.50 -27.36 -18.39
C MET D 161 1.86 -27.29 -16.91
N ILE D 162 1.33 -28.22 -16.10
CA ILE D 162 1.52 -28.22 -14.66
C ILE D 162 2.21 -29.52 -14.24
N ARG D 163 3.09 -29.42 -13.26
CA ARG D 163 3.65 -30.59 -12.62
C ARG D 163 3.54 -30.42 -11.10
N THR D 164 3.65 -31.53 -10.37
CA THR D 164 3.77 -31.46 -8.93
C THR D 164 5.15 -30.91 -8.57
N LYS D 165 5.25 -30.24 -7.42
CA LYS D 165 6.53 -29.82 -6.92
C LYS D 165 7.26 -31.05 -6.39
N GLY D 166 6.49 -31.92 -5.74
CA GLY D 166 7.03 -33.08 -5.06
C GLY D 166 8.13 -32.66 -4.09
N GLU D 167 9.23 -33.42 -4.10
CA GLU D 167 10.38 -33.14 -3.27
C GLU D 167 11.57 -33.60 -4.08
N ALA D 168 12.28 -32.65 -4.69
CA ALA D 168 13.34 -32.97 -5.62
C ALA D 168 14.57 -33.42 -4.85
N GLY D 169 15.21 -34.49 -5.35
CA GLY D 169 16.55 -34.89 -4.96
C GLY D 169 16.60 -36.00 -3.91
N THR D 170 15.45 -36.51 -3.44
CA THR D 170 15.43 -37.42 -2.30
C THR D 170 15.10 -38.86 -2.72
N GLY D 171 14.49 -39.04 -3.91
CA GLY D 171 13.97 -40.33 -4.33
C GLY D 171 12.76 -40.79 -3.50
N ASN D 172 12.14 -39.86 -2.77
CA ASN D 172 11.00 -40.17 -1.92
C ASN D 172 9.73 -39.59 -2.53
N ILE D 173 8.74 -40.47 -2.70
CA ILE D 173 7.56 -40.26 -3.52
C ILE D 173 6.45 -39.56 -2.73
N ILE D 174 6.61 -39.45 -1.39
CA ILE D 174 5.56 -39.04 -0.45
C ILE D 174 4.94 -37.70 -0.85
N GLU D 175 5.80 -36.70 -1.14
CA GLU D 175 5.32 -35.34 -1.37
C GLU D 175 4.55 -35.33 -2.70
N ALA D 176 5.04 -36.07 -3.69
CA ALA D 176 4.39 -36.12 -5.00
C ALA D 176 2.99 -36.73 -4.88
N VAL D 177 2.86 -37.79 -4.06
CA VAL D 177 1.56 -38.41 -3.86
C VAL D 177 0.62 -37.39 -3.18
N ARG D 178 1.12 -36.64 -2.19
CA ARG D 178 0.29 -35.68 -1.46
C ARG D 178 -0.29 -34.67 -2.44
N HIS D 179 0.56 -34.20 -3.37
CA HIS D 179 0.19 -33.12 -4.27
C HIS D 179 -0.84 -33.58 -5.31
N VAL D 180 -0.64 -34.76 -5.89
CA VAL D 180 -1.57 -35.32 -6.85
C VAL D 180 -2.93 -35.54 -6.19
N ARG D 181 -2.92 -36.17 -5.01
CA ARG D 181 -4.17 -36.48 -4.31
C ARG D 181 -4.91 -35.19 -3.98
N SER D 182 -4.15 -34.17 -3.56
CA SER D 182 -4.71 -32.87 -3.23
C SER D 182 -5.41 -32.21 -4.42
N VAL D 183 -4.69 -32.08 -5.54
CA VAL D 183 -5.24 -31.47 -6.74
C VAL D 183 -6.46 -32.25 -7.24
N ASN D 184 -6.31 -33.56 -7.41
CA ASN D 184 -7.39 -34.36 -7.97
C ASN D 184 -8.60 -34.34 -7.03
N GLY D 185 -8.32 -34.30 -5.72
CA GLY D 185 -9.39 -34.38 -4.74
C GLY D 185 -10.28 -33.15 -4.78
N ASP D 186 -9.64 -31.97 -4.93
CA ASP D 186 -10.35 -30.71 -4.98
C ASP D 186 -11.16 -30.59 -6.27
N ILE D 187 -10.62 -31.11 -7.37
CA ILE D 187 -11.35 -31.12 -8.62
C ILE D 187 -12.64 -31.94 -8.48
N ARG D 188 -12.56 -33.08 -7.78
CA ARG D 188 -13.72 -33.94 -7.58
C ARG D 188 -14.75 -33.22 -6.70
N VAL D 189 -14.27 -32.53 -5.67
CA VAL D 189 -15.18 -31.76 -4.82
C VAL D 189 -15.89 -30.71 -5.66
N LEU D 190 -15.13 -30.05 -6.52
CA LEU D 190 -15.63 -28.90 -7.25
C LEU D 190 -16.67 -29.34 -8.27
N ARG D 191 -16.46 -30.51 -8.90
CA ARG D 191 -17.30 -30.99 -9.99
C ARG D 191 -18.76 -31.08 -9.57
N ASN D 192 -19.04 -31.43 -8.32
CA ASN D 192 -20.35 -31.81 -7.84
C ASN D 192 -20.98 -30.73 -6.93
N MET D 193 -20.26 -29.64 -6.73
CA MET D 193 -20.54 -28.61 -5.73
C MET D 193 -21.71 -27.74 -6.21
N ASP D 194 -22.59 -27.35 -5.26
CA ASP D 194 -23.65 -26.36 -5.51
C ASP D 194 -23.03 -25.12 -6.15
N ASP D 195 -23.54 -24.70 -7.31
CA ASP D 195 -22.98 -23.59 -8.08
C ASP D 195 -22.91 -22.31 -7.24
N ASP D 196 -23.91 -22.10 -6.38
CA ASP D 196 -23.99 -20.92 -5.54
C ASP D 196 -22.84 -20.86 -4.52
N GLU D 197 -22.20 -22.00 -4.21
CA GLU D 197 -21.14 -22.05 -3.24
C GLU D 197 -19.75 -21.86 -3.88
N VAL D 198 -19.67 -21.75 -5.21
CA VAL D 198 -18.37 -21.71 -5.86
C VAL D 198 -17.65 -20.37 -5.63
N PHE D 199 -18.41 -19.30 -5.39
CA PHE D 199 -17.81 -17.98 -5.16
C PHE D 199 -16.93 -18.04 -3.92
N THR D 200 -17.46 -18.56 -2.81
CA THR D 200 -16.72 -18.67 -1.57
C THR D 200 -15.52 -19.63 -1.74
N PHE D 201 -15.71 -20.69 -2.51
CA PHE D 201 -14.65 -21.67 -2.73
C PHE D 201 -13.47 -21.02 -3.43
N ALA D 202 -13.76 -20.17 -4.44
CA ALA D 202 -12.72 -19.47 -5.18
C ALA D 202 -11.96 -18.52 -4.25
N LYS D 203 -12.69 -17.83 -3.35
CA LYS D 203 -12.08 -16.96 -2.37
C LYS D 203 -11.07 -17.72 -1.50
N LYS D 204 -11.46 -18.90 -1.01
CA LYS D 204 -10.65 -19.65 -0.07
C LYS D 204 -9.41 -20.22 -0.74
N LEU D 205 -9.50 -20.53 -2.04
CA LEU D 205 -8.36 -21.01 -2.80
C LEU D 205 -7.48 -19.85 -3.26
N ALA D 206 -8.00 -18.61 -3.19
CA ALA D 206 -7.30 -17.45 -3.73
C ALA D 206 -6.96 -17.67 -5.22
N ALA D 207 -7.97 -18.11 -5.96
CA ALA D 207 -7.82 -18.46 -7.36
C ALA D 207 -8.88 -17.72 -8.17
N PRO D 208 -8.62 -17.47 -9.47
CA PRO D 208 -9.57 -16.73 -10.29
C PRO D 208 -10.85 -17.53 -10.48
N TYR D 209 -11.99 -16.91 -10.19
CA TYR D 209 -13.28 -17.56 -10.27
C TYR D 209 -13.53 -18.20 -11.63
N ASP D 210 -13.12 -17.51 -12.70
CA ASP D 210 -13.48 -17.89 -14.04
C ASP D 210 -12.79 -19.21 -14.39
N LEU D 211 -11.54 -19.37 -13.95
CA LEU D 211 -10.81 -20.63 -14.14
C LEU D 211 -11.35 -21.73 -13.23
N VAL D 212 -11.86 -21.38 -12.05
CA VAL D 212 -12.48 -22.36 -11.17
C VAL D 212 -13.72 -22.92 -11.86
N MET D 213 -14.59 -22.06 -12.41
CA MET D 213 -15.83 -22.50 -13.05
C MET D 213 -15.53 -23.35 -14.28
N GLN D 214 -14.47 -23.01 -15.01
CA GLN D 214 -14.06 -23.75 -16.18
C GLN D 214 -13.56 -25.14 -15.78
N THR D 215 -12.84 -25.23 -14.66
CA THR D 215 -12.34 -26.50 -14.16
C THR D 215 -13.53 -27.36 -13.74
N LYS D 216 -14.62 -26.72 -13.27
CA LYS D 216 -15.81 -27.44 -12.86
C LYS D 216 -16.51 -28.06 -14.07
N GLN D 217 -16.59 -27.32 -15.19
CA GLN D 217 -17.25 -27.82 -16.38
C GLN D 217 -16.44 -28.93 -17.05
N LEU D 218 -15.13 -28.74 -17.21
CA LEU D 218 -14.28 -29.79 -17.78
C LEU D 218 -14.25 -31.04 -16.90
N GLY D 219 -14.34 -30.89 -15.58
CA GLY D 219 -14.12 -31.99 -14.66
C GLY D 219 -12.67 -32.44 -14.58
N ARG D 220 -11.74 -31.62 -15.08
CA ARG D 220 -10.32 -31.86 -14.94
C ARG D 220 -9.57 -30.54 -15.14
N LEU D 221 -8.26 -30.56 -14.93
CA LEU D 221 -7.45 -29.36 -15.07
C LEU D 221 -7.43 -28.96 -16.55
N PRO D 222 -7.59 -27.65 -16.88
CA PRO D 222 -7.53 -27.20 -18.27
C PRO D 222 -6.21 -27.41 -19.03
N VAL D 223 -5.17 -27.93 -18.37
CA VAL D 223 -3.89 -28.17 -19.02
C VAL D 223 -3.42 -29.56 -18.57
N VAL D 224 -2.41 -30.09 -19.24
CA VAL D 224 -1.76 -31.35 -18.90
C VAL D 224 -1.14 -31.28 -17.50
N GLN D 225 -1.25 -32.38 -16.75
CA GLN D 225 -0.73 -32.48 -15.40
C GLN D 225 0.25 -33.64 -15.30
N PHE D 226 1.53 -33.35 -15.07
CA PHE D 226 2.56 -34.36 -14.89
C PHE D 226 2.98 -34.51 -13.44
N ALA D 227 3.58 -35.64 -13.11
CA ALA D 227 4.13 -35.87 -11.79
C ALA D 227 5.63 -35.64 -11.84
N ALA D 228 6.18 -35.18 -10.72
CA ALA D 228 7.59 -34.82 -10.66
C ALA D 228 8.02 -34.77 -9.20
N GLY D 229 9.26 -35.14 -8.94
CA GLY D 229 9.83 -35.06 -7.61
C GLY D 229 9.72 -36.40 -6.90
N GLY D 230 10.76 -37.21 -7.03
CA GLY D 230 10.95 -38.37 -6.17
C GLY D 230 10.65 -39.69 -6.87
N VAL D 231 10.25 -39.63 -8.15
CA VAL D 231 10.02 -40.83 -8.94
C VAL D 231 11.36 -41.52 -9.20
N ALA D 232 11.52 -42.72 -8.66
CA ALA D 232 12.79 -43.43 -8.61
C ALA D 232 12.72 -44.81 -9.25
N THR D 233 11.55 -45.45 -9.24
CA THR D 233 11.42 -46.83 -9.71
C THR D 233 10.28 -46.94 -10.72
N PRO D 234 10.26 -48.02 -11.53
CA PRO D 234 9.12 -48.29 -12.39
C PRO D 234 7.78 -48.26 -11.65
N ALA D 235 7.77 -48.80 -10.43
CA ALA D 235 6.56 -48.84 -9.62
C ALA D 235 6.07 -47.44 -9.27
N ASP D 236 7.01 -46.55 -8.87
CA ASP D 236 6.73 -45.15 -8.64
C ASP D 236 6.03 -44.53 -9.85
N ALA D 237 6.64 -44.70 -11.03
CA ALA D 237 6.12 -44.06 -12.23
C ALA D 237 4.73 -44.56 -12.56
N ALA D 238 4.50 -45.87 -12.41
CA ALA D 238 3.21 -46.45 -12.74
C ALA D 238 2.13 -46.00 -11.77
N LEU D 239 2.50 -45.86 -10.48
CA LEU D 239 1.60 -45.36 -9.45
C LEU D 239 1.05 -43.98 -9.81
N MET D 240 1.95 -43.09 -10.25
CA MET D 240 1.58 -41.74 -10.65
C MET D 240 0.57 -41.78 -11.79
N MET D 241 0.76 -42.68 -12.75
CA MET D 241 -0.16 -42.81 -13.88
C MET D 241 -1.50 -43.37 -13.42
N GLN D 242 -1.47 -44.34 -12.49
CA GLN D 242 -2.69 -44.93 -11.95
C GLN D 242 -3.47 -43.93 -11.10
N LEU D 243 -2.78 -42.93 -10.52
CA LEU D 243 -3.45 -41.89 -9.74
C LEU D 243 -4.05 -40.80 -10.65
N GLY D 244 -3.73 -40.81 -11.95
CA GLY D 244 -4.41 -39.94 -12.90
C GLY D 244 -3.51 -38.88 -13.55
N CYS D 245 -2.20 -38.95 -13.37
CA CYS D 245 -1.31 -38.03 -14.07
C CYS D 245 -1.26 -38.38 -15.56
N ASP D 246 -0.81 -37.40 -16.36
CA ASP D 246 -0.72 -37.50 -17.80
C ASP D 246 0.70 -37.87 -18.24
N GLY D 247 1.66 -38.01 -17.31
CA GLY D 247 3.05 -38.28 -17.66
C GLY D 247 3.95 -38.02 -16.45
N VAL D 248 5.27 -38.19 -16.60
CA VAL D 248 6.19 -38.12 -15.46
C VAL D 248 7.51 -37.45 -15.86
N PHE D 249 8.10 -36.68 -14.93
CA PHE D 249 9.48 -36.20 -15.03
C PHE D 249 10.36 -37.10 -14.15
N VAL D 250 11.59 -37.32 -14.59
CA VAL D 250 12.56 -38.13 -13.86
C VAL D 250 13.92 -37.45 -13.90
N GLY D 251 14.66 -37.49 -12.77
CA GLY D 251 15.94 -36.81 -12.61
C GLY D 251 17.11 -37.67 -13.10
N SER D 252 18.35 -37.21 -12.87
CA SER D 252 19.53 -37.79 -13.50
C SER D 252 20.10 -38.96 -12.68
N GLY D 253 19.40 -39.34 -11.60
CA GLY D 253 19.72 -40.55 -10.83
C GLY D 253 19.77 -41.78 -11.73
N ILE D 254 18.95 -41.79 -12.78
CA ILE D 254 18.93 -42.79 -13.83
C ILE D 254 20.33 -43.06 -14.39
N PHE D 255 21.21 -42.04 -14.40
CA PHE D 255 22.50 -42.15 -15.08
C PHE D 255 23.61 -42.49 -14.09
N LYS D 256 23.27 -42.68 -12.80
CA LYS D 256 24.25 -43.03 -11.78
C LYS D 256 24.30 -44.54 -11.56
N SER D 257 23.50 -45.31 -12.30
CA SER D 257 23.41 -46.76 -12.09
C SER D 257 24.07 -47.51 -13.25
N GLY D 258 24.00 -48.84 -13.24
CA GLY D 258 24.89 -49.73 -13.97
C GLY D 258 24.72 -49.73 -15.49
N ASP D 259 23.51 -50.02 -16.00
CA ASP D 259 23.24 -49.97 -17.43
C ASP D 259 22.15 -48.91 -17.55
N PRO D 260 22.48 -47.62 -17.73
CA PRO D 260 21.48 -46.55 -17.59
C PRO D 260 20.50 -46.56 -18.76
N ALA D 261 20.91 -47.14 -19.88
CA ALA D 261 20.02 -47.44 -21.00
C ALA D 261 18.90 -48.40 -20.58
N ARG D 262 19.19 -49.30 -19.64
CA ARG D 262 18.22 -50.28 -19.21
C ARG D 262 17.24 -49.63 -18.24
N ARG D 263 17.76 -48.81 -17.32
CA ARG D 263 16.94 -48.16 -16.31
C ARG D 263 16.03 -47.12 -16.96
N ALA D 264 16.53 -46.42 -17.97
CA ALA D 264 15.77 -45.43 -18.70
C ALA D 264 14.60 -46.10 -19.44
N ARG D 265 14.93 -47.16 -20.19
CA ARG D 265 13.95 -47.90 -20.96
C ARG D 265 12.84 -48.44 -20.05
N ALA D 266 13.24 -48.90 -18.86
CA ALA D 266 12.35 -49.53 -17.90
C ALA D 266 11.25 -48.57 -17.46
N ILE D 267 11.64 -47.31 -17.22
CA ILE D 267 10.72 -46.31 -16.75
C ILE D 267 9.75 -45.92 -17.87
N VAL D 268 10.25 -45.85 -19.11
CA VAL D 268 9.40 -45.58 -20.25
C VAL D 268 8.37 -46.70 -20.40
N GLN D 269 8.86 -47.93 -20.31
CA GLN D 269 8.02 -49.11 -20.45
C GLN D 269 6.92 -49.10 -19.39
N ALA D 270 7.29 -48.73 -18.15
CA ALA D 270 6.39 -48.68 -17.01
C ALA D 270 5.26 -47.68 -17.22
N VAL D 271 5.60 -46.48 -17.73
CA VAL D 271 4.60 -45.46 -17.98
C VAL D 271 3.68 -45.88 -19.13
N THR D 272 4.23 -46.59 -20.12
CA THR D 272 3.47 -47.02 -21.28
C THR D 272 2.52 -48.14 -20.89
N HIS D 273 2.99 -49.10 -20.08
CA HIS D 273 2.21 -50.28 -19.69
C HIS D 273 1.89 -50.23 -18.19
N TYR D 274 1.36 -49.09 -17.75
CA TYR D 274 1.25 -48.77 -16.34
C TYR D 274 0.19 -49.63 -15.66
N SER D 275 -0.72 -50.24 -16.42
CA SER D 275 -1.75 -51.06 -15.79
C SER D 275 -1.57 -52.54 -16.09
N ASP D 276 -0.34 -52.95 -16.44
CA ASP D 276 -0.01 -54.35 -16.67
C ASP D 276 1.05 -54.82 -15.67
N PRO D 277 0.65 -55.47 -14.55
CA PRO D 277 1.61 -55.94 -13.54
C PRO D 277 2.68 -56.87 -14.08
N GLU D 278 2.33 -57.68 -15.08
CA GLU D 278 3.24 -58.67 -15.63
C GLU D 278 4.41 -57.95 -16.31
N MET D 279 4.06 -56.91 -17.07
CA MET D 279 5.05 -56.05 -17.67
C MET D 279 5.92 -55.39 -16.59
N LEU D 280 5.30 -54.90 -15.52
CA LEU D 280 6.02 -54.18 -14.48
C LEU D 280 7.00 -55.10 -13.76
N VAL D 281 6.65 -56.39 -13.63
CA VAL D 281 7.58 -57.35 -13.04
C VAL D 281 8.84 -57.45 -13.91
N GLU D 282 8.63 -57.56 -15.23
CA GLU D 282 9.69 -57.80 -16.18
C GLU D 282 10.71 -56.65 -16.15
N VAL D 283 10.23 -55.41 -16.16
CA VAL D 283 11.11 -54.25 -16.27
C VAL D 283 11.80 -53.95 -14.93
N SER D 284 11.17 -54.37 -13.81
CA SER D 284 11.70 -54.12 -12.47
C SER D 284 12.78 -55.12 -12.08
N CYS D 285 12.84 -56.26 -12.80
CA CYS D 285 13.62 -57.41 -12.40
C CYS D 285 15.10 -57.16 -12.66
N GLY D 286 15.91 -57.29 -11.62
CA GLY D 286 17.36 -57.22 -11.73
C GLY D 286 17.83 -55.83 -12.11
N LEU D 287 17.18 -54.78 -11.59
CA LEU D 287 17.50 -53.41 -11.97
C LEU D 287 18.64 -52.88 -11.10
N GLY D 288 19.00 -53.61 -10.03
CA GLY D 288 19.94 -53.10 -9.06
C GLY D 288 19.32 -51.99 -8.20
N GLU D 289 20.17 -51.07 -7.73
CA GLU D 289 19.83 -50.14 -6.67
C GLU D 289 18.78 -49.13 -7.19
#